data_6F3Z
#
_entry.id   6F3Z
#
_cell.length_a   146.010
_cell.length_b   68.230
_cell.length_c   94.780
_cell.angle_alpha   90.00
_cell.angle_beta   90.00
_cell.angle_gamma   90.00
#
_symmetry.space_group_name_H-M   'P 21 21 2'
#
loop_
_entity.id
_entity.type
_entity.pdbx_description
1 polymer 'Lipoprotein-releasing system transmembrane protein LolC'
2 polymer 'Outer-membrane lipoprotein carrier protein'
3 water water
#
loop_
_entity_poly.entity_id
_entity_poly.type
_entity_poly.pdbx_seq_one_letter_code
_entity_poly.pdbx_strand_id
1 'polypeptide(L)'
;MNGFERELQNNILGLMPQAILSSEHGSLNPQQLPETAVKLDGVNRVAPITTGDVVLQSARSVAVGVMLGIDPAQKDPLTP
YLVNVKQTDLEPGKYNVILGEQLASQLGVNRGDQIRVMVPSASQFTPMGRIPSQRLFNVIGTFAANSEVDGYEMLVNIED
ASRLMRYPAGNITGWRLWLDEPLKVDSLSQQKLPEGSKWQDWRDRKGELFQAVRMEKNMAAALEHHHHHH
;
A,C
2 'polypeptide(L)'
;MGSSHHHHHHSSGLVPRGSHMASMDAASDLKSRLDKVSSFHASFTQKVTDGSGAAVQEGQGDLWVKRPNLFNWHMTQPDE
SILVSDGKTLWFYNPFVEQATATWLKDATGNTPFMLIARNQSSDWQQYNIKQNGDDFVLTPKASNGNLKQFTINVGRDGT
IHQFSAVEQDDQRSSYQLKSQQNGAVDAAKFTFTPPQGVTVDDQRK
;
B,D
#
# COMPACT_ATOMS: atom_id res chain seq x y z
N MET A 1 33.07 -50.17 16.84
CA MET A 1 31.90 -49.33 16.44
C MET A 1 30.67 -50.17 16.09
N ASN A 2 29.64 -50.14 16.93
CA ASN A 2 28.37 -50.84 16.64
C ASN A 2 27.50 -50.16 15.55
N GLY A 3 26.47 -50.88 15.10
CA GLY A 3 25.53 -50.38 14.10
C GLY A 3 24.93 -49.04 14.45
N PHE A 4 24.67 -48.79 15.72
CA PHE A 4 24.10 -47.52 16.14
C PHE A 4 25.05 -46.36 15.88
N GLU A 5 26.29 -46.49 16.31
CA GLU A 5 27.30 -45.49 16.03
C GLU A 5 27.50 -45.32 14.52
N ARG A 6 27.47 -46.43 13.77
CA ARG A 6 27.66 -46.42 12.31
C ARG A 6 26.57 -45.62 11.59
N GLU A 7 25.32 -45.93 11.92
CA GLU A 7 24.17 -45.19 11.49
C GLU A 7 24.32 -43.67 11.77
N LEU A 8 24.61 -43.29 13.02
CA LEU A 8 24.81 -41.91 13.39
C LEU A 8 25.88 -41.26 12.48
N GLN A 9 26.99 -41.95 12.30
CA GLN A 9 28.13 -41.36 11.63
C GLN A 9 27.92 -41.26 10.10
N ASN A 10 27.39 -42.32 9.50
CA ASN A 10 27.27 -42.42 8.06
C ASN A 10 26.04 -41.73 7.54
N ASN A 11 24.98 -41.70 8.31
CA ASN A 11 23.72 -41.16 7.79
C ASN A 11 23.21 -39.87 8.39
N ILE A 12 23.88 -39.36 9.43
CA ILE A 12 23.50 -38.13 10.10
C ILE A 12 24.68 -37.23 10.12
N LEU A 13 25.75 -37.62 10.80
CA LEU A 13 26.88 -36.75 11.00
C LEU A 13 27.59 -36.50 9.71
N GLY A 14 27.45 -37.40 8.76
CA GLY A 14 28.08 -37.18 7.48
C GLY A 14 27.39 -36.14 6.61
N LEU A 15 26.16 -35.75 6.96
CA LEU A 15 25.37 -34.85 6.13
C LEU A 15 25.03 -33.52 6.82
N MET A 16 25.51 -33.30 8.05
CA MET A 16 25.31 -32.06 8.79
C MET A 16 26.72 -31.54 9.20
N PRO A 17 26.79 -30.28 9.68
CA PRO A 17 28.00 -29.71 10.29
C PRO A 17 28.45 -30.46 11.53
N GLN A 18 29.59 -31.13 11.45
CA GLN A 18 30.03 -31.96 12.62
C GLN A 18 30.52 -31.04 13.74
N ALA A 19 31.22 -29.99 13.36
CA ALA A 19 31.66 -28.98 14.30
C ALA A 19 31.90 -27.70 13.59
N ILE A 20 31.85 -26.64 14.35
CA ILE A 20 32.05 -25.35 13.81
C ILE A 20 32.91 -24.57 14.79
N LEU A 21 33.95 -23.96 14.24
CA LEU A 21 34.74 -23.00 14.99
C LEU A 21 34.15 -21.62 14.73
N SER A 22 33.50 -21.08 15.75
CA SER A 22 32.81 -19.77 15.66
C SER A 22 33.48 -18.72 16.51
N SER A 23 32.94 -17.51 16.50
CA SER A 23 33.45 -16.47 17.38
C SER A 23 32.89 -16.69 18.77
N GLU A 24 33.62 -16.21 19.77
CA GLU A 24 33.18 -16.31 21.16
C GLU A 24 31.96 -15.43 21.33
N HIS A 25 31.95 -14.28 20.66
CA HIS A 25 30.83 -13.37 20.72
C HIS A 25 30.43 -13.02 19.31
N GLY A 26 29.15 -13.24 19.03
CA GLY A 26 28.52 -12.81 17.79
C GLY A 26 28.96 -13.70 16.66
N SER A 27 29.09 -13.12 15.48
CA SER A 27 29.53 -13.85 14.30
C SER A 27 31.07 -13.85 14.18
N LEU A 28 31.60 -14.37 13.08
CA LEU A 28 33.04 -14.39 12.87
C LEU A 28 33.44 -13.62 11.65
N ASN A 29 34.47 -12.79 11.83
CA ASN A 29 35.14 -12.08 10.75
C ASN A 29 36.23 -12.98 10.13
N PRO A 30 36.11 -13.32 8.84
CA PRO A 30 37.17 -14.15 8.23
C PRO A 30 38.50 -13.43 7.99
N GLN A 31 38.55 -12.11 8.14
CA GLN A 31 39.83 -11.39 8.12
C GLN A 31 40.58 -11.56 9.45
N GLN A 32 39.87 -11.46 10.58
CA GLN A 32 40.43 -11.69 11.92
C GLN A 32 40.80 -13.15 12.26
N LEU A 33 40.06 -14.13 11.70
CA LEU A 33 40.37 -15.55 11.88
C LEU A 33 40.17 -16.30 10.58
N PRO A 34 41.17 -16.24 9.66
CA PRO A 34 41.01 -16.82 8.35
C PRO A 34 41.12 -18.31 8.40
N GLU A 35 40.83 -18.93 7.28
CA GLU A 35 40.81 -20.39 7.18
C GLU A 35 42.20 -20.99 7.52
N THR A 36 43.27 -20.31 7.09
CA THR A 36 44.68 -20.73 7.37
C THR A 36 45.00 -20.86 8.86
N ALA A 37 44.37 -20.04 9.69
CA ALA A 37 44.52 -20.10 11.13
C ALA A 37 43.76 -21.22 11.79
N VAL A 38 43.09 -22.05 11.01
CA VAL A 38 42.33 -23.15 11.56
C VAL A 38 43.10 -24.42 11.29
N LYS A 39 44.08 -24.74 12.14
CA LYS A 39 44.82 -26.01 12.09
C LYS A 39 44.53 -26.63 13.42
N LEU A 40 43.84 -27.76 13.39
CA LEU A 40 43.30 -28.37 14.61
C LEU A 40 43.47 -29.84 14.47
N ASP A 41 43.57 -30.53 15.60
CA ASP A 41 43.73 -31.98 15.62
C ASP A 41 42.39 -32.66 15.34
N GLY A 42 42.45 -33.72 14.52
CA GLY A 42 41.30 -34.53 14.22
C GLY A 42 40.42 -33.97 13.10
N VAL A 43 40.85 -32.87 12.48
CA VAL A 43 40.14 -32.19 11.42
C VAL A 43 40.78 -32.40 10.06
N ASN A 44 40.09 -33.04 9.11
CA ASN A 44 40.62 -33.22 7.74
C ASN A 44 40.21 -32.17 6.69
N ARG A 45 39.33 -31.23 7.06
CA ARG A 45 38.76 -30.28 6.10
C ARG A 45 38.04 -29.15 6.82
N VAL A 46 38.19 -27.96 6.26
CA VAL A 46 37.63 -26.75 6.82
C VAL A 46 36.91 -26.04 5.69
N ALA A 47 35.73 -25.48 5.99
CA ALA A 47 34.99 -24.66 4.99
C ALA A 47 34.12 -23.61 5.70
N PRO A 48 33.93 -22.46 5.07
CA PRO A 48 33.09 -21.42 5.67
C PRO A 48 31.62 -21.90 5.71
N ILE A 49 30.94 -21.56 6.80
CA ILE A 49 29.52 -21.77 6.95
C ILE A 49 28.82 -20.60 7.65
N THR A 50 27.58 -20.38 7.22
CA THR A 50 26.65 -19.56 8.01
C THR A 50 25.46 -20.44 8.21
N THR A 51 25.03 -20.55 9.45
CA THR A 51 23.95 -21.47 9.72
C THR A 51 23.13 -20.94 10.83
N GLY A 52 21.85 -21.28 10.83
CA GLY A 52 21.01 -21.01 11.99
C GLY A 52 19.72 -21.80 11.87
N ASP A 53 18.99 -21.80 12.95
CA ASP A 53 17.68 -22.47 13.00
C ASP A 53 16.72 -21.49 12.39
N VAL A 54 15.81 -21.94 11.57
CA VAL A 54 14.87 -21.03 10.89
C VAL A 54 13.47 -21.57 10.98
N VAL A 55 12.49 -20.69 10.88
CA VAL A 55 11.07 -21.04 10.62
C VAL A 55 10.76 -20.76 9.17
N LEU A 56 10.08 -21.69 8.54
CA LEU A 56 9.76 -21.65 7.12
C LEU A 56 8.25 -21.60 7.01
N GLN A 57 7.78 -20.76 6.12
CA GLN A 57 6.36 -20.69 5.85
C GLN A 57 6.13 -20.70 4.39
N SER A 58 5.28 -21.60 3.91
CA SER A 58 4.89 -21.56 2.51
C SER A 58 3.40 -21.07 2.48
N ALA A 59 2.83 -21.06 1.27
CA ALA A 59 1.42 -20.74 1.09
C ALA A 59 0.54 -21.73 1.87
N ARG A 60 1.00 -22.96 2.10
CA ARG A 60 0.22 -24.00 2.79
C ARG A 60 0.56 -24.34 4.24
N SER A 61 1.81 -24.23 4.62
CA SER A 61 2.22 -24.81 5.89
C SER A 61 3.39 -24.06 6.45
N VAL A 62 3.77 -24.47 7.63
CA VAL A 62 4.86 -23.95 8.39
C VAL A 62 5.79 -25.15 8.71
N ALA A 63 7.08 -24.89 8.77
CA ALA A 63 8.06 -25.92 9.15
C ALA A 63 9.25 -25.27 9.83
N VAL A 64 10.12 -26.08 10.39
CA VAL A 64 11.26 -25.62 11.09
C VAL A 64 12.40 -26.22 10.29
N GLY A 65 13.52 -25.54 10.28
CA GLY A 65 14.67 -26.07 9.55
C GLY A 65 15.99 -25.59 10.06
N VAL A 66 17.04 -26.09 9.39
CA VAL A 66 18.37 -25.65 9.67
C VAL A 66 18.86 -25.13 8.33
N MET A 67 19.22 -23.85 8.35
CA MET A 67 19.77 -23.22 7.17
C MET A 67 21.27 -23.46 7.07
N LEU A 68 21.72 -24.05 5.97
CA LEU A 68 23.14 -24.27 5.72
C LEU A 68 23.55 -23.31 4.65
N GLY A 69 24.17 -22.23 5.05
CA GLY A 69 24.65 -21.27 4.07
C GLY A 69 26.08 -21.66 3.68
N ILE A 70 26.25 -21.97 2.41
CA ILE A 70 27.46 -22.58 1.90
C ILE A 70 28.03 -21.79 0.76
N ASP A 71 29.34 -21.95 0.57
CA ASP A 71 29.93 -21.48 -0.65
C ASP A 71 29.60 -22.51 -1.69
N PRO A 72 28.78 -22.12 -2.70
CA PRO A 72 28.32 -23.06 -3.67
C PRO A 72 29.33 -23.62 -4.64
N ALA A 73 30.51 -23.00 -4.71
CA ALA A 73 31.60 -23.47 -5.57
C ALA A 73 32.28 -24.72 -5.03
N GLN A 74 32.18 -24.99 -3.73
CA GLN A 74 32.75 -26.19 -3.12
C GLN A 74 31.68 -27.27 -2.88
N LYS A 75 32.17 -28.50 -2.87
CA LYS A 75 31.37 -29.68 -2.71
C LYS A 75 30.95 -29.74 -1.27
N ASP A 76 29.66 -29.99 -1.04
CA ASP A 76 29.13 -30.28 0.24
C ASP A 76 28.80 -31.79 0.24
N PRO A 77 28.69 -32.37 1.41
CA PRO A 77 28.22 -33.79 1.43
C PRO A 77 26.83 -33.95 0.83
N LEU A 78 26.00 -32.88 0.82
CA LEU A 78 24.73 -32.98 0.15
C LEU A 78 24.76 -32.83 -1.33
N THR A 79 25.82 -32.28 -1.86
CA THR A 79 25.88 -31.98 -3.29
C THR A 79 25.53 -33.10 -4.24
N PRO A 80 26.02 -34.35 -3.96
CA PRO A 80 25.69 -35.38 -4.86
C PRO A 80 24.21 -35.72 -4.88
N TYR A 81 23.47 -35.31 -3.84
CA TYR A 81 22.09 -35.74 -3.69
C TYR A 81 21.05 -34.73 -4.20
N LEU A 82 21.50 -33.67 -4.83
CA LEU A 82 20.62 -32.67 -5.49
C LEU A 82 19.87 -33.34 -6.60
N VAL A 83 18.57 -33.07 -6.68
CA VAL A 83 17.68 -33.62 -7.67
C VAL A 83 17.42 -32.57 -8.79
N ASN A 84 18.08 -32.72 -9.93
CA ASN A 84 17.87 -31.84 -11.09
C ASN A 84 17.95 -30.31 -10.78
N VAL A 85 19.00 -29.94 -10.07
CA VAL A 85 19.21 -28.58 -9.73
C VAL A 85 20.71 -28.55 -9.53
N LYS A 86 21.32 -27.48 -9.96
CA LYS A 86 22.72 -27.22 -9.80
C LYS A 86 22.95 -26.40 -8.59
N GLN A 87 23.95 -26.78 -7.80
CA GLN A 87 24.29 -26.05 -6.59
C GLN A 87 24.77 -24.62 -6.88
N THR A 88 25.45 -24.44 -8.00
CA THR A 88 25.91 -23.13 -8.40
C THR A 88 24.78 -22.15 -8.75
N ASP A 89 23.54 -22.61 -8.93
CA ASP A 89 22.41 -21.68 -8.96
C ASP A 89 22.16 -20.95 -7.64
N LEU A 90 22.85 -21.31 -6.55
CA LEU A 90 22.69 -20.57 -5.27
C LEU A 90 23.64 -19.37 -5.35
N GLU A 91 23.36 -18.45 -6.29
CA GLU A 91 24.11 -17.17 -6.48
C GLU A 91 23.82 -16.14 -5.39
N PRO A 92 24.86 -15.41 -4.96
CA PRO A 92 24.66 -14.49 -3.86
C PRO A 92 23.66 -13.38 -4.32
N GLY A 93 22.72 -12.99 -3.48
CA GLY A 93 21.78 -11.94 -3.87
C GLY A 93 20.57 -12.43 -4.59
N LYS A 94 20.50 -13.71 -4.89
CA LYS A 94 19.27 -14.25 -5.50
C LYS A 94 18.27 -14.89 -4.51
N TYR A 95 18.73 -15.21 -3.30
CA TYR A 95 17.86 -15.78 -2.28
C TYR A 95 17.16 -17.05 -2.76
N ASN A 96 17.91 -17.87 -3.48
CA ASN A 96 17.55 -19.23 -3.80
C ASN A 96 17.76 -20.18 -2.68
N VAL A 97 16.98 -21.27 -2.72
CA VAL A 97 17.05 -22.28 -1.67
C VAL A 97 16.84 -23.66 -2.27
N ILE A 98 17.63 -24.65 -1.78
CA ILE A 98 17.46 -26.02 -2.15
C ILE A 98 17.02 -26.71 -0.87
N LEU A 99 15.84 -27.28 -0.88
CA LEU A 99 15.24 -27.87 0.30
C LEU A 99 15.47 -29.40 0.34
N GLY A 100 15.68 -29.93 1.52
CA GLY A 100 15.52 -31.37 1.67
C GLY A 100 14.12 -31.81 1.13
N GLU A 101 14.08 -32.95 0.46
CA GLU A 101 12.88 -33.29 -0.23
C GLU A 101 11.70 -33.55 0.69
N GLN A 102 11.93 -34.02 1.93
CA GLN A 102 10.83 -34.21 2.88
C GLN A 102 10.38 -32.86 3.43
N LEU A 103 11.33 -31.97 3.64
CA LEU A 103 10.98 -30.60 4.06
C LEU A 103 10.15 -29.94 3.00
N ALA A 104 10.54 -30.07 1.72
CA ALA A 104 9.75 -29.57 0.64
C ALA A 104 8.32 -30.12 0.58
N SER A 105 8.19 -31.42 0.68
CA SER A 105 6.83 -32.00 0.67
C SER A 105 6.03 -31.61 1.98
N GLN A 106 6.64 -31.45 3.16
CA GLN A 106 5.98 -30.89 4.31
C GLN A 106 5.41 -29.47 4.05
N LEU A 107 6.14 -28.67 3.32
CA LEU A 107 5.70 -27.31 3.01
C LEU A 107 4.79 -27.25 1.78
N GLY A 108 4.76 -28.34 1.01
CA GLY A 108 3.95 -28.40 -0.18
C GLY A 108 4.53 -27.55 -1.26
N VAL A 109 5.84 -27.53 -1.43
CA VAL A 109 6.43 -26.70 -2.48
C VAL A 109 7.37 -27.45 -3.40
N ASN A 110 7.64 -26.89 -4.59
N ASN A 110 7.64 -26.92 -4.59
CA ASN A 110 8.71 -27.38 -5.42
CA ASN A 110 8.84 -27.37 -5.32
C ASN A 110 9.32 -26.21 -6.20
C ASN A 110 9.34 -26.20 -6.18
N ARG A 111 10.25 -26.54 -7.10
CA ARG A 111 10.91 -25.61 -7.95
C ARG A 111 9.97 -24.55 -8.49
N GLY A 112 10.28 -23.28 -8.29
CA GLY A 112 9.43 -22.18 -8.74
C GLY A 112 8.52 -21.57 -7.70
N ASP A 113 8.33 -22.20 -6.55
CA ASP A 113 7.58 -21.57 -5.44
C ASP A 113 8.51 -20.72 -4.61
N GLN A 114 7.92 -19.96 -3.74
CA GLN A 114 8.62 -19.21 -2.68
C GLN A 114 8.29 -19.71 -1.29
N ILE A 115 9.20 -19.45 -0.35
CA ILE A 115 8.96 -19.70 1.05
C ILE A 115 9.47 -18.52 1.80
N ARG A 116 8.90 -18.29 2.96
CA ARG A 116 9.35 -17.21 3.79
C ARG A 116 10.23 -17.86 4.80
N VAL A 117 11.45 -17.31 4.99
CA VAL A 117 12.40 -17.81 5.94
C VAL A 117 12.61 -16.80 7.07
N MET A 118 12.37 -17.18 8.29
CA MET A 118 12.52 -16.31 9.43
C MET A 118 13.57 -16.87 10.39
N VAL A 119 14.36 -15.99 11.00
CA VAL A 119 15.41 -16.33 11.97
C VAL A 119 15.00 -15.73 13.33
N PRO A 120 14.42 -16.55 14.19
CA PRO A 120 13.93 -15.97 15.46
C PRO A 120 15.03 -15.39 16.35
N SER A 121 16.19 -16.00 16.34
CA SER A 121 17.33 -15.49 17.05
C SER A 121 17.91 -14.15 16.55
N ALA A 122 17.48 -13.59 15.41
CA ALA A 122 18.00 -12.33 14.84
C ALA A 122 16.87 -11.31 14.67
N SER A 123 16.94 -10.17 15.34
CA SER A 123 15.81 -9.24 15.46
C SER A 123 16.22 -7.83 15.17
N GLN A 124 15.26 -6.99 14.82
CA GLN A 124 15.46 -5.54 14.81
C GLN A 124 14.49 -4.95 15.77
N PHE A 125 14.97 -4.05 16.63
CA PHE A 125 14.10 -3.28 17.52
C PHE A 125 13.66 -2.07 16.70
N THR A 126 12.35 -1.89 16.64
CA THR A 126 11.80 -0.70 15.98
C THR A 126 10.70 -0.14 16.87
N PRO A 127 10.30 1.11 16.63
CA PRO A 127 9.23 1.70 17.41
C PRO A 127 7.82 1.04 17.26
N MET A 128 7.66 0.15 16.29
CA MET A 128 6.49 -0.70 16.12
C MET A 128 6.69 -2.11 16.69
N GLY A 129 7.74 -2.32 17.48
CA GLY A 129 8.06 -3.63 18.04
C GLY A 129 9.31 -4.32 17.45
N ARG A 130 9.61 -5.49 18.01
CA ARG A 130 10.77 -6.26 17.65
C ARG A 130 10.37 -7.01 16.40
N ILE A 131 11.18 -6.95 15.35
CA ILE A 131 10.84 -7.56 14.07
C ILE A 131 11.91 -8.63 13.76
N PRO A 132 11.52 -9.92 13.74
CA PRO A 132 12.53 -10.97 13.42
C PRO A 132 12.98 -10.83 11.97
N SER A 133 14.20 -11.22 11.70
CA SER A 133 14.74 -11.16 10.42
C SER A 133 14.03 -12.20 9.54
N GLN A 134 13.68 -11.83 8.33
CA GLN A 134 12.89 -12.72 7.47
C GLN A 134 13.03 -12.28 6.05
N ARG A 135 12.86 -13.21 5.15
CA ARG A 135 12.90 -12.94 3.75
C ARG A 135 12.26 -14.08 2.99
N LEU A 136 11.65 -13.78 1.86
CA LEU A 136 11.28 -14.76 0.91
C LEU A 136 12.51 -15.37 0.24
N PHE A 137 12.49 -16.68 0.05
CA PHE A 137 13.50 -17.38 -0.76
C PHE A 137 12.79 -18.12 -1.87
N ASN A 138 13.46 -18.27 -3.02
CA ASN A 138 12.93 -18.94 -4.24
C ASN A 138 13.39 -20.41 -4.17
N VAL A 139 12.44 -21.32 -4.08
CA VAL A 139 12.77 -22.76 -4.08
C VAL A 139 13.21 -23.11 -5.51
N ILE A 140 14.45 -23.54 -5.69
CA ILE A 140 14.94 -23.91 -7.02
C ILE A 140 15.06 -25.46 -7.16
N GLY A 141 15.00 -26.17 -6.06
CA GLY A 141 14.78 -27.65 -6.13
C GLY A 141 15.03 -28.25 -4.78
N THR A 142 15.41 -29.52 -4.79
CA THR A 142 15.53 -30.28 -3.57
C THR A 142 16.76 -31.19 -3.63
N PHE A 143 17.10 -31.72 -2.46
CA PHE A 143 18.07 -32.83 -2.36
C PHE A 143 17.36 -33.99 -1.70
N ALA A 144 17.88 -35.21 -1.96
CA ALA A 144 17.30 -36.42 -1.43
C ALA A 144 18.45 -37.35 -1.07
N ALA A 145 18.84 -37.34 0.18
CA ALA A 145 19.98 -38.09 0.62
C ALA A 145 19.56 -39.39 1.28
N ASN A 146 18.25 -39.62 1.39
CA ASN A 146 17.74 -40.78 2.13
C ASN A 146 18.25 -40.78 3.56
N SER A 147 17.99 -39.69 4.29
CA SER A 147 18.46 -39.43 5.64
C SER A 147 17.44 -38.54 6.31
N GLU A 148 17.43 -38.51 7.65
CA GLU A 148 16.56 -37.59 8.35
C GLU A 148 16.86 -36.07 7.98
N VAL A 149 18.08 -35.77 7.56
CA VAL A 149 18.37 -34.39 7.16
C VAL A 149 17.49 -33.91 6.00
N ASP A 150 16.93 -34.81 5.21
CA ASP A 150 16.01 -34.47 4.13
C ASP A 150 14.74 -33.74 4.69
N GLY A 151 14.44 -33.90 5.97
CA GLY A 151 13.28 -33.30 6.60
C GLY A 151 13.56 -31.99 7.26
N TYR A 152 14.80 -31.52 7.27
CA TYR A 152 15.06 -30.29 7.93
C TYR A 152 16.18 -29.43 7.43
N GLU A 153 17.11 -29.96 6.66
CA GLU A 153 18.24 -29.11 6.20
C GLU A 153 17.84 -28.45 4.89
N MET A 154 18.44 -27.30 4.64
CA MET A 154 18.31 -26.62 3.36
C MET A 154 19.59 -25.90 3.03
N LEU A 155 19.87 -25.76 1.74
CA LEU A 155 21.10 -25.07 1.30
C LEU A 155 20.71 -23.71 0.67
N VAL A 156 21.43 -22.69 1.10
CA VAL A 156 21.35 -21.40 0.53
C VAL A 156 22.75 -20.87 0.32
N ASN A 157 22.85 -19.77 -0.40
CA ASN A 157 24.18 -19.08 -0.51
C ASN A 157 24.58 -18.53 0.81
N ILE A 158 25.82 -18.71 1.17
CA ILE A 158 26.37 -18.25 2.46
C ILE A 158 26.18 -16.77 2.75
N GLU A 159 26.32 -15.98 1.71
CA GLU A 159 26.14 -14.57 1.85
C GLU A 159 24.67 -14.21 2.11
N ASP A 160 23.74 -14.83 1.40
CA ASP A 160 22.30 -14.63 1.73
C ASP A 160 22.04 -14.98 3.15
N ALA A 161 22.64 -16.10 3.59
CA ALA A 161 22.45 -16.55 4.90
C ALA A 161 22.93 -15.55 5.95
N SER A 162 24.13 -15.02 5.73
CA SER A 162 24.74 -14.00 6.61
C SER A 162 23.87 -12.70 6.77
N ARG A 163 23.32 -12.23 5.67
CA ARG A 163 22.36 -11.11 5.72
C ARG A 163 21.09 -11.48 6.49
N LEU A 164 20.60 -12.69 6.28
CA LEU A 164 19.47 -13.15 7.11
C LEU A 164 19.79 -13.26 8.56
N MET A 165 21.01 -13.65 8.88
CA MET A 165 21.42 -13.71 10.27
C MET A 165 21.71 -12.34 10.88
N ARG A 166 21.71 -11.32 10.03
CA ARG A 166 21.96 -9.93 10.43
C ARG A 166 23.40 -9.75 10.88
N TYR A 167 24.32 -10.53 10.31
CA TYR A 167 25.69 -10.40 10.65
C TYR A 167 26.22 -9.13 10.03
N PRO A 168 27.26 -8.50 10.65
CA PRO A 168 28.06 -7.47 9.95
C PRO A 168 28.46 -7.97 8.57
N ALA A 169 28.46 -7.09 7.60
CA ALA A 169 28.83 -7.44 6.23
C ALA A 169 30.18 -8.21 6.20
N GLY A 170 30.24 -9.29 5.44
CA GLY A 170 31.39 -10.18 5.34
C GLY A 170 31.61 -11.18 6.45
N ASN A 171 30.90 -11.06 7.58
CA ASN A 171 31.00 -12.11 8.59
C ASN A 171 30.21 -13.36 8.25
N ILE A 172 30.54 -14.43 8.96
CA ILE A 172 29.96 -15.75 8.78
C ILE A 172 29.76 -16.29 10.18
N THR A 173 29.06 -17.42 10.28
CA THR A 173 28.92 -18.06 11.58
C THR A 173 30.31 -18.61 12.07
N GLY A 174 31.06 -19.19 11.14
CA GLY A 174 32.35 -19.74 11.45
C GLY A 174 32.86 -20.76 10.47
N TRP A 175 33.78 -21.59 10.95
CA TRP A 175 34.50 -22.50 10.08
C TRP A 175 33.99 -23.85 10.37
N ARG A 176 33.30 -24.43 9.38
CA ARG A 176 32.81 -25.75 9.50
C ARG A 176 34.00 -26.78 9.49
N LEU A 177 33.94 -27.79 10.34
CA LEU A 177 35.00 -28.80 10.45
C LEU A 177 34.45 -30.14 10.06
N TRP A 178 35.22 -30.88 9.28
CA TRP A 178 34.99 -32.32 9.06
C TRP A 178 36.07 -33.08 9.84
N LEU A 179 35.64 -34.05 10.62
CA LEU A 179 36.53 -34.75 11.55
C LEU A 179 36.84 -36.16 11.03
N ASP A 180 38.06 -36.62 11.31
CA ASP A 180 38.42 -38.02 11.03
C ASP A 180 37.54 -38.90 11.86
N GLU A 181 37.36 -38.57 13.14
CA GLU A 181 36.48 -39.36 14.02
C GLU A 181 35.37 -38.49 14.65
N PRO A 182 34.24 -38.27 13.94
CA PRO A 182 33.22 -37.34 14.46
C PRO A 182 32.60 -37.76 15.78
N LEU A 183 32.70 -39.05 16.12
CA LEU A 183 32.25 -39.53 17.43
C LEU A 183 33.09 -39.13 18.66
N LYS A 184 34.29 -38.57 18.45
CA LYS A 184 35.16 -38.14 19.55
C LYS A 184 35.27 -36.63 19.70
N VAL A 185 34.16 -35.96 19.46
CA VAL A 185 34.12 -34.50 19.62
C VAL A 185 34.30 -34.09 21.08
N ASP A 186 34.01 -35.02 21.98
CA ASP A 186 34.23 -34.82 23.40
C ASP A 186 35.70 -34.42 23.64
N SER A 187 36.62 -35.25 23.19
CA SER A 187 38.06 -34.98 23.35
C SER A 187 38.51 -33.81 22.47
N LEU A 188 38.09 -33.81 21.21
CA LEU A 188 38.52 -32.82 20.21
C LEU A 188 38.16 -31.37 20.54
N SER A 189 37.06 -31.17 21.27
CA SER A 189 36.66 -29.83 21.75
C SER A 189 37.61 -29.21 22.77
N GLN A 190 38.38 -30.05 23.48
CA GLN A 190 39.27 -29.60 24.57
C GLN A 190 40.55 -28.94 24.10
N GLN A 191 40.92 -29.17 22.85
CA GLN A 191 42.19 -28.71 22.31
C GLN A 191 42.31 -27.20 22.31
N LYS A 192 43.51 -26.74 21.98
CA LYS A 192 43.86 -25.34 22.03
C LYS A 192 43.15 -24.70 20.82
N LEU A 193 42.40 -23.62 21.07
CA LEU A 193 41.64 -22.90 19.99
C LEU A 193 42.31 -21.59 19.71
N PRO A 194 42.10 -21.03 18.50
CA PRO A 194 42.52 -19.62 18.35
C PRO A 194 41.75 -18.74 19.27
N GLU A 195 42.17 -17.50 19.40
CA GLU A 195 41.78 -16.70 20.56
C GLU A 195 40.49 -15.98 20.31
N GLY A 196 39.60 -16.02 21.31
CA GLY A 196 38.27 -15.46 21.19
C GLY A 196 37.43 -16.20 20.15
N SER A 197 37.73 -17.49 19.94
CA SER A 197 36.97 -18.38 19.09
C SER A 197 36.37 -19.43 20.03
N LYS A 198 35.35 -20.17 19.61
CA LYS A 198 34.85 -21.26 20.42
C LYS A 198 34.38 -22.41 19.56
N TRP A 199 34.22 -23.55 20.22
CA TRP A 199 33.95 -24.79 19.57
C TRP A 199 32.52 -25.11 19.87
N GLN A 200 31.78 -25.38 18.79
CA GLN A 200 30.41 -25.91 18.84
C GLN A 200 30.46 -27.22 18.03
N ASP A 201 29.63 -28.19 18.35
CA ASP A 201 29.58 -29.38 17.56
C ASP A 201 28.19 -30.00 17.60
N TRP A 202 28.05 -31.08 16.83
CA TRP A 202 26.83 -31.78 16.68
C TRP A 202 26.08 -32.17 17.92
N ARG A 203 26.73 -32.17 19.09
CA ARG A 203 26.02 -32.41 20.36
C ARG A 203 24.96 -31.38 20.69
N ASP A 204 25.13 -30.13 20.21
CA ASP A 204 24.09 -29.09 20.32
C ASP A 204 22.77 -29.45 19.61
N ARG A 205 22.84 -30.16 18.49
CA ARG A 205 21.70 -30.60 17.73
C ARG A 205 21.17 -31.89 18.33
N LYS A 206 22.07 -32.75 18.81
CA LYS A 206 21.78 -34.20 19.02
C LYS A 206 22.49 -34.66 20.32
N GLY A 207 22.32 -33.84 21.39
CA GLY A 207 22.82 -34.16 22.72
C GLY A 207 22.16 -35.36 23.39
N GLU A 208 20.90 -35.68 23.02
CA GLU A 208 20.20 -36.90 23.45
C GLU A 208 20.75 -38.19 22.76
N LEU A 209 21.27 -38.05 21.53
CA LEU A 209 21.92 -39.16 20.80
C LEU A 209 23.41 -39.41 21.22
N PHE A 210 24.21 -38.37 21.49
CA PHE A 210 25.60 -38.54 22.00
C PHE A 210 25.63 -39.16 23.41
N GLN A 211 24.61 -38.84 24.21
CA GLN A 211 24.46 -39.44 25.54
C GLN A 211 23.98 -40.90 25.46
N ALA A 212 23.04 -41.24 24.57
CA ALA A 212 22.61 -42.65 24.36
C ALA A 212 23.73 -43.58 23.82
N VAL A 213 24.59 -43.07 22.93
CA VAL A 213 25.75 -43.84 22.41
C VAL A 213 26.83 -44.02 23.48
N ARG A 214 27.09 -42.96 24.28
CA ARG A 214 28.03 -43.03 25.40
C ARG A 214 27.55 -44.00 26.50
N MET A 215 26.26 -43.95 26.91
CA MET A 215 25.68 -44.86 27.96
C MET A 215 25.93 -46.32 27.57
N GLU A 216 25.46 -46.64 26.36
CA GLU A 216 25.55 -47.96 25.73
C GLU A 216 26.98 -48.48 25.65
N LYS A 217 27.94 -47.61 25.27
CA LYS A 217 29.37 -47.94 25.08
C LYS A 217 30.06 -48.33 26.39
N ASN A 218 29.73 -47.59 27.45
CA ASN A 218 30.23 -47.84 28.82
C ASN A 218 29.58 -49.06 29.49
N MET A 219 28.26 -49.28 29.23
CA MET A 219 27.57 -50.53 29.62
C MET A 219 28.27 -51.72 28.96
N ALA A 220 28.59 -51.60 27.66
CA ALA A 220 29.33 -52.63 26.89
C ALA A 220 30.77 -52.96 27.41
N ALA A 221 31.57 -51.94 27.75
CA ALA A 221 32.94 -52.13 28.28
C ALA A 221 32.96 -52.65 29.73
N ALA A 222 32.06 -52.13 30.57
CA ALA A 222 31.84 -52.61 31.95
C ALA A 222 31.52 -54.13 32.02
N LEU A 223 30.56 -54.59 31.20
CA LEU A 223 30.19 -56.02 31.09
C LEU A 223 31.26 -56.91 30.43
N GLU A 224 31.93 -56.41 29.37
CA GLU A 224 33.08 -57.10 28.77
C GLU A 224 34.24 -57.26 29.82
N HIS A 225 34.45 -56.23 30.65
CA HIS A 225 35.40 -56.21 31.78
C HIS A 225 35.00 -57.25 32.87
N HIS A 226 33.76 -57.17 33.33
CA HIS A 226 33.18 -58.17 34.23
C HIS A 226 33.35 -59.62 33.69
N HIS A 227 32.99 -59.83 32.42
CA HIS A 227 33.15 -61.15 31.72
C HIS A 227 34.62 -61.62 31.76
N HIS A 228 35.56 -60.68 31.50
CA HIS A 228 37.00 -61.00 31.40
C HIS A 228 37.76 -61.24 32.70
N HIS A 229 37.41 -60.55 33.79
CA HIS A 229 37.95 -60.86 35.14
C HIS A 229 37.45 -62.27 35.59
N HIS A 230 36.13 -62.41 35.74
CA HIS A 230 35.50 -63.61 36.31
C HIS A 230 35.21 -64.67 35.28
N SER B 19 -3.65 10.32 43.79
CA SER B 19 -5.08 10.56 43.46
C SER B 19 -5.33 10.32 41.96
N HIS B 20 -6.42 9.61 41.67
CA HIS B 20 -7.09 9.62 40.36
C HIS B 20 -7.22 11.02 39.75
N MET B 21 -7.62 12.03 40.52
CA MET B 21 -7.72 13.37 39.95
C MET B 21 -6.40 13.92 39.36
N ALA B 22 -5.22 13.52 39.86
CA ALA B 22 -3.97 13.96 39.28
C ALA B 22 -3.71 13.29 37.88
N SER B 23 -3.97 12.00 37.74
CA SER B 23 -3.86 11.27 36.44
C SER B 23 -4.87 11.71 35.38
N MET B 24 -6.11 12.05 35.77
CA MET B 24 -7.12 12.60 34.82
C MET B 24 -6.65 13.93 34.31
N ASP B 25 -6.15 14.74 35.24
CA ASP B 25 -5.61 16.06 34.92
C ASP B 25 -4.44 15.88 33.95
N ALA B 26 -3.51 14.97 34.27
CA ALA B 26 -2.34 14.78 33.48
C ALA B 26 -2.72 14.23 32.04
N ALA B 27 -3.71 13.34 31.96
CA ALA B 27 -4.14 12.70 30.68
C ALA B 27 -4.77 13.73 29.83
N SER B 28 -5.60 14.57 30.44
CA SER B 28 -6.20 15.70 29.76
C SER B 28 -5.15 16.73 29.25
N ASP B 29 -4.13 17.00 30.05
CA ASP B 29 -3.10 17.99 29.63
C ASP B 29 -2.20 17.36 28.49
N LEU B 30 -1.81 16.10 28.63
CA LEU B 30 -1.08 15.36 27.58
C LEU B 30 -1.80 15.44 26.22
N LYS B 31 -3.09 15.13 26.21
CA LYS B 31 -3.90 15.19 25.03
C LYS B 31 -4.08 16.56 24.39
N SER B 32 -4.33 17.58 25.22
CA SER B 32 -4.47 18.95 24.73
C SER B 32 -3.20 19.43 24.15
N ARG B 33 -2.09 19.00 24.71
CA ARG B 33 -0.80 19.39 24.14
C ARG B 33 -0.63 18.72 22.77
N LEU B 34 -0.79 17.41 22.73
CA LEU B 34 -0.59 16.65 21.47
C LEU B 34 -1.57 17.07 20.40
N ASP B 35 -2.76 17.51 20.81
CA ASP B 35 -3.74 18.04 19.90
C ASP B 35 -3.28 19.24 19.13
N LYS B 36 -2.28 19.99 19.59
CA LYS B 36 -1.86 21.19 18.88
C LYS B 36 -1.07 20.84 17.63
N VAL B 37 -0.61 19.58 17.46
CA VAL B 37 0.29 19.27 16.34
C VAL B 37 -0.38 18.14 15.57
N SER B 38 -0.77 18.37 14.33
CA SER B 38 -1.43 17.31 13.62
C SER B 38 -0.42 16.60 12.69
N SER B 39 0.67 17.23 12.33
CA SER B 39 1.73 16.50 11.63
C SER B 39 3.06 17.13 11.88
N PHE B 40 4.13 16.34 11.82
CA PHE B 40 5.46 16.89 12.04
C PHE B 40 6.52 16.06 11.37
N HIS B 41 7.66 16.69 11.21
CA HIS B 41 8.89 16.04 10.87
C HIS B 41 9.91 16.26 11.99
N ALA B 42 10.74 15.28 12.28
CA ALA B 42 11.85 15.42 13.23
C ALA B 42 12.99 14.49 12.90
N SER B 43 14.20 14.82 13.37
N SER B 43 14.20 14.82 13.37
CA SER B 43 15.29 13.86 13.40
CA SER B 43 15.29 13.85 13.40
C SER B 43 15.18 13.10 14.70
C SER B 43 15.19 13.10 14.70
N PHE B 44 15.74 11.89 14.75
CA PHE B 44 15.68 11.10 15.94
C PHE B 44 16.95 10.40 16.17
N THR B 45 17.20 10.12 17.45
CA THR B 45 18.16 9.13 17.86
C THR B 45 17.44 8.10 18.69
N GLN B 46 17.83 6.83 18.50
CA GLN B 46 17.27 5.64 19.11
C GLN B 46 18.39 4.94 19.86
N LYS B 47 18.07 4.50 21.07
CA LYS B 47 19.02 3.82 21.97
C LYS B 47 18.22 2.70 22.64
N VAL B 48 18.66 1.46 22.49
CA VAL B 48 17.98 0.29 23.06
C VAL B 48 19.01 -0.47 23.87
N THR B 49 18.63 -0.90 25.05
CA THR B 49 19.53 -1.62 25.94
C THR B 49 18.78 -2.72 26.67
N ASP B 50 19.42 -3.89 26.85
CA ASP B 50 18.89 -5.00 27.70
C ASP B 50 18.75 -4.63 29.20
N GLY B 51 18.26 -5.58 30.00
CA GLY B 51 18.26 -5.47 31.50
C GLY B 51 19.61 -5.13 32.15
N SER B 52 20.73 -5.52 31.54
CA SER B 52 22.09 -5.21 32.05
C SER B 52 22.58 -3.75 31.89
N GLY B 53 21.84 -2.91 31.17
CA GLY B 53 22.31 -1.57 30.83
C GLY B 53 23.37 -1.54 29.73
N ALA B 54 23.44 -2.62 28.95
CA ALA B 54 24.34 -2.76 27.78
C ALA B 54 23.56 -2.47 26.48
N ALA B 55 24.12 -1.65 25.60
CA ALA B 55 23.51 -1.29 24.32
C ALA B 55 23.36 -2.48 23.38
N VAL B 56 22.12 -2.79 22.99
CA VAL B 56 21.82 -3.84 22.00
C VAL B 56 21.38 -3.30 20.59
N GLN B 57 21.23 -1.96 20.43
CA GLN B 57 20.94 -1.33 19.12
C GLN B 57 20.91 0.19 19.33
N GLU B 58 21.42 0.91 18.35
CA GLU B 58 21.50 2.35 18.41
C GLU B 58 21.32 2.82 16.98
N GLY B 59 20.76 4.00 16.80
CA GLY B 59 20.59 4.49 15.46
C GLY B 59 20.03 5.88 15.39
N GLN B 60 19.88 6.37 14.17
CA GLN B 60 19.40 7.69 13.99
C GLN B 60 18.77 7.76 12.66
N GLY B 61 17.96 8.78 12.47
CA GLY B 61 17.40 9.10 11.21
C GLY B 61 16.29 10.11 11.32
N ASP B 62 15.28 9.97 10.45
CA ASP B 62 14.17 10.92 10.26
C ASP B 62 12.82 10.25 10.58
N LEU B 63 11.87 11.05 11.04
CA LEU B 63 10.56 10.66 11.42
C LEU B 63 9.58 11.68 10.87
N TRP B 64 8.55 11.19 10.17
CA TRP B 64 7.43 12.01 9.76
C TRP B 64 6.20 11.38 10.33
N VAL B 65 5.25 12.18 10.86
CA VAL B 65 4.03 11.66 11.45
C VAL B 65 2.88 12.54 10.93
N LYS B 66 1.75 11.96 10.58
CA LYS B 66 0.55 12.73 10.45
C LYS B 66 -0.52 11.98 11.20
N ARG B 67 -1.14 12.61 12.17
CA ARG B 67 -2.03 11.90 13.11
C ARG B 67 -3.30 11.56 12.36
N PRO B 68 -3.93 10.42 12.64
CA PRO B 68 -3.64 9.55 13.78
C PRO B 68 -2.71 8.35 13.48
N ASN B 69 -2.50 8.00 12.20
CA ASN B 69 -1.81 6.77 11.90
C ASN B 69 -0.96 6.72 10.60
N LEU B 70 -0.46 7.87 10.14
CA LEU B 70 0.43 7.96 9.00
C LEU B 70 1.78 8.24 9.60
N PHE B 71 2.79 7.49 9.16
CA PHE B 71 4.16 7.75 9.61
C PHE B 71 5.16 7.17 8.71
N ASN B 72 6.37 7.70 8.85
CA ASN B 72 7.55 7.27 8.08
C ASN B 72 8.72 7.38 9.07
N TRP B 73 9.19 6.25 9.55
CA TRP B 73 10.42 6.12 10.35
C TRP B 73 11.51 5.65 9.45
N HIS B 74 12.50 6.50 9.19
CA HIS B 74 13.58 6.21 8.30
C HIS B 74 14.93 6.29 9.05
N MET B 75 15.38 5.13 9.49
CA MET B 75 16.66 4.98 10.13
C MET B 75 17.72 4.99 9.04
N THR B 76 18.72 5.84 9.20
CA THR B 76 19.78 5.98 8.16
C THR B 76 21.16 5.50 8.61
N GLN B 77 21.44 5.51 9.91
CA GLN B 77 22.66 4.99 10.45
C GLN B 77 22.32 4.13 11.63
N PRO B 78 23.14 3.13 11.93
CA PRO B 78 24.33 2.72 11.13
C PRO B 78 23.91 1.96 9.87
N ASP B 79 22.70 1.40 9.90
CA ASP B 79 22.09 0.65 8.79
C ASP B 79 20.79 1.36 8.40
N GLU B 80 20.41 1.30 7.13
CA GLU B 80 19.18 1.90 6.68
C GLU B 80 17.99 0.94 6.93
N SER B 81 16.90 1.43 7.49
CA SER B 81 15.62 0.71 7.39
C SER B 81 14.46 1.68 7.48
N ILE B 82 13.34 1.28 6.91
CA ILE B 82 12.20 2.19 6.76
C ILE B 82 10.95 1.49 7.21
N LEU B 83 10.17 2.12 8.05
CA LEU B 83 8.82 1.67 8.37
C LEU B 83 7.88 2.78 7.95
N VAL B 84 6.96 2.48 7.06
CA VAL B 84 6.05 3.49 6.48
C VAL B 84 4.63 2.95 6.62
N SER B 85 3.75 3.76 7.19
CA SER B 85 2.36 3.49 7.24
C SER B 85 1.57 4.46 6.37
N ASP B 86 0.81 3.93 5.38
CA ASP B 86 -0.15 4.72 4.58
C ASP B 86 -1.50 4.83 5.21
N GLY B 87 -1.64 4.48 6.48
CA GLY B 87 -2.90 4.47 7.19
C GLY B 87 -3.55 3.10 7.28
N LYS B 88 -3.24 2.22 6.32
CA LYS B 88 -3.79 0.84 6.30
C LYS B 88 -2.67 -0.20 6.18
N THR B 89 -1.79 0.02 5.25
CA THR B 89 -0.60 -0.84 5.01
C THR B 89 0.60 -0.32 5.79
N LEU B 90 1.27 -1.24 6.48
CA LEU B 90 2.57 -0.96 7.04
C LEU B 90 3.64 -1.63 6.17
N TRP B 91 4.58 -0.85 5.69
CA TRP B 91 5.67 -1.34 4.84
C TRP B 91 6.91 -1.33 5.67
N PHE B 92 7.63 -2.46 5.69
CA PHE B 92 8.94 -2.55 6.35
C PHE B 92 10.00 -2.89 5.33
N TYR B 93 10.91 -1.95 5.06
CA TYR B 93 11.90 -2.09 4.04
C TYR B 93 13.28 -2.28 4.73
N ASN B 94 13.91 -3.40 4.39
CA ASN B 94 15.19 -3.86 4.93
C ASN B 94 16.20 -3.97 3.77
N PRO B 95 16.90 -2.87 3.40
CA PRO B 95 17.87 -2.79 2.29
C PRO B 95 18.97 -3.83 2.28
N PHE B 96 19.31 -4.33 3.44
CA PHE B 96 20.23 -5.43 3.62
C PHE B 96 19.83 -6.74 2.91
N VAL B 97 18.53 -7.05 2.86
CA VAL B 97 18.06 -8.20 2.10
C VAL B 97 17.33 -7.85 0.83
N GLU B 98 17.38 -6.58 0.45
CA GLU B 98 16.65 -6.07 -0.70
C GLU B 98 15.17 -6.51 -0.74
N GLN B 99 14.51 -6.44 0.40
CA GLN B 99 13.14 -6.75 0.43
C GLN B 99 12.37 -5.81 1.29
N ALA B 100 11.15 -5.56 0.87
CA ALA B 100 10.12 -4.87 1.66
C ALA B 100 8.96 -5.80 1.93
N THR B 101 8.46 -5.81 3.16
CA THR B 101 7.29 -6.54 3.49
C THR B 101 6.09 -5.59 3.68
N ALA B 102 4.92 -6.04 3.32
CA ALA B 102 3.68 -5.31 3.54
C ALA B 102 2.82 -6.08 4.44
N THR B 103 2.41 -5.47 5.52
CA THR B 103 1.47 -6.06 6.45
C THR B 103 0.35 -5.03 6.71
N TRP B 104 -0.71 -5.47 7.36
CA TRP B 104 -1.68 -4.55 7.82
C TRP B 104 -1.24 -3.85 9.08
N LEU B 105 -1.38 -2.54 9.05
CA LEU B 105 -1.17 -1.71 10.26
C LEU B 105 -1.93 -2.25 11.48
N LYS B 106 -3.19 -2.65 11.32
CA LYS B 106 -3.95 -3.09 12.49
C LYS B 106 -3.38 -4.36 13.17
N ASP B 107 -2.49 -5.11 12.53
CA ASP B 107 -1.95 -6.31 13.11
C ASP B 107 -0.64 -6.06 13.77
N ALA B 108 -0.10 -4.83 13.69
CA ALA B 108 1.13 -4.51 14.41
C ALA B 108 0.84 -4.47 15.93
N THR B 109 1.87 -4.25 16.74
CA THR B 109 1.66 -3.89 18.16
C THR B 109 1.07 -2.45 18.31
N GLY B 110 -0.25 -2.41 18.53
CA GLY B 110 -0.99 -1.16 18.67
C GLY B 110 -0.75 -0.34 19.94
N ASN B 111 -0.16 -1.00 20.95
CA ASN B 111 0.17 -0.42 22.27
C ASN B 111 1.66 -0.12 22.46
N THR B 112 2.39 0.20 21.40
CA THR B 112 3.73 0.75 21.60
C THR B 112 3.53 2.21 22.02
N PRO B 113 4.53 2.77 22.66
CA PRO B 113 4.48 4.19 22.99
C PRO B 113 4.27 5.06 21.73
N PHE B 114 4.96 4.64 20.66
CA PHE B 114 4.90 5.41 19.43
C PHE B 114 3.47 5.48 18.90
N MET B 115 2.78 4.35 18.90
CA MET B 115 1.43 4.33 18.35
C MET B 115 0.50 5.19 19.20
N LEU B 116 0.69 5.17 20.52
CA LEU B 116 -0.11 6.04 21.39
C LEU B 116 0.10 7.50 21.06
N ILE B 117 1.36 7.86 20.84
CA ILE B 117 1.68 9.25 20.53
C ILE B 117 1.13 9.64 19.18
N ALA B 118 1.15 8.70 18.21
CA ALA B 118 0.55 9.04 16.93
C ALA B 118 -0.92 9.17 17.04
N ARG B 119 -1.57 8.22 17.68
CA ARG B 119 -3.05 8.24 17.67
C ARG B 119 -3.64 9.39 18.53
N ASN B 120 -3.00 9.73 19.66
CA ASN B 120 -3.50 10.77 20.59
C ASN B 120 -4.99 10.65 20.94
N GLN B 121 -5.41 9.46 21.38
CA GLN B 121 -6.80 9.17 21.68
C GLN B 121 -7.02 9.13 23.19
N SER B 122 -8.04 9.85 23.61
CA SER B 122 -8.39 9.97 25.04
C SER B 122 -8.65 8.59 25.63
N SER B 123 -9.29 7.72 24.86
CA SER B 123 -9.56 6.36 25.30
C SER B 123 -8.33 5.60 25.48
N ASP B 124 -7.28 5.87 24.70
CA ASP B 124 -5.99 5.18 24.95
C ASP B 124 -5.38 5.69 26.28
N TRP B 125 -5.35 7.01 26.44
CA TRP B 125 -4.66 7.59 27.60
C TRP B 125 -5.38 7.15 28.89
N GLN B 126 -6.69 6.93 28.81
CA GLN B 126 -7.44 6.41 29.98
C GLN B 126 -7.03 5.01 30.36
N GLN B 127 -6.19 4.33 29.58
CA GLN B 127 -5.69 3.01 29.98
C GLN B 127 -4.45 3.07 30.82
N TYR B 128 -3.93 4.27 31.04
CA TYR B 128 -2.71 4.43 31.81
C TYR B 128 -2.92 5.31 33.09
N ASN B 129 -2.15 5.02 34.12
CA ASN B 129 -1.99 6.03 35.20
C ASN B 129 -0.87 6.99 34.74
N ILE B 130 -1.13 8.28 34.78
CA ILE B 130 -0.25 9.26 34.24
C ILE B 130 0.15 10.28 35.33
N LYS B 131 1.44 10.48 35.49
CA LYS B 131 2.01 11.58 36.27
C LYS B 131 2.77 12.58 35.36
N GLN B 132 2.59 13.90 35.57
CA GLN B 132 3.29 14.93 34.86
C GLN B 132 4.35 15.58 35.81
N ASN B 133 5.63 15.49 35.46
N ASN B 133 5.64 15.47 35.48
CA ASN B 133 6.70 16.15 36.15
CA ASN B 133 6.68 16.22 36.17
C ASN B 133 7.32 17.10 35.10
C ASN B 133 7.31 17.11 35.11
N GLY B 134 6.91 18.36 35.14
CA GLY B 134 7.29 19.30 34.15
C GLY B 134 6.60 18.97 32.84
N ASP B 135 7.43 18.79 31.84
CA ASP B 135 6.96 18.40 30.51
C ASP B 135 7.09 16.88 30.31
N ASP B 136 7.59 16.15 31.31
CA ASP B 136 7.59 14.68 31.30
C ASP B 136 6.27 14.11 31.76
N PHE B 137 5.65 13.30 30.90
CA PHE B 137 4.49 12.49 31.29
C PHE B 137 4.89 11.04 31.45
N VAL B 138 4.71 10.47 32.65
CA VAL B 138 5.08 9.10 32.96
C VAL B 138 3.83 8.23 33.03
N LEU B 139 3.80 7.16 32.23
CA LEU B 139 2.59 6.38 32.03
C LEU B 139 2.86 4.98 32.48
N THR B 140 1.96 4.46 33.31
CA THR B 140 2.03 3.05 33.72
C THR B 140 0.68 2.38 33.43
N PRO B 141 0.70 1.22 32.81
CA PRO B 141 -0.55 0.49 32.44
C PRO B 141 -1.42 0.25 33.65
N LYS B 142 -2.69 0.57 33.56
CA LYS B 142 -3.62 0.35 34.71
C LYS B 142 -3.75 -1.15 35.05
N ALA B 143 -3.48 -2.03 34.08
CA ALA B 143 -3.14 -3.42 34.37
C ALA B 143 -2.22 -3.98 33.31
N SER B 144 -1.27 -4.85 33.65
CA SER B 144 -0.59 -5.51 32.52
C SER B 144 -0.49 -7.05 32.27
N ASN B 145 -1.00 -7.39 31.08
CA ASN B 145 -0.55 -8.53 30.26
C ASN B 145 -0.04 -8.04 28.87
N GLY B 146 0.12 -6.73 28.65
CA GLY B 146 0.87 -6.18 27.51
C GLY B 146 2.22 -5.81 28.07
N ASN B 147 3.31 -6.21 27.41
CA ASN B 147 4.60 -6.24 28.09
C ASN B 147 5.38 -4.88 28.22
N LEU B 148 4.64 -3.77 28.39
CA LEU B 148 5.23 -2.50 28.83
C LEU B 148 5.03 -2.34 30.32
N LYS B 149 6.09 -2.08 31.06
CA LYS B 149 5.98 -1.68 32.48
C LYS B 149 5.76 -0.18 32.66
N GLN B 150 6.40 0.62 31.81
CA GLN B 150 6.37 2.08 31.97
C GLN B 150 6.80 2.74 30.70
N PHE B 151 6.21 3.89 30.38
CA PHE B 151 6.84 4.73 29.42
C PHE B 151 6.69 6.20 29.74
N THR B 152 7.59 6.97 29.18
CA THR B 152 7.67 8.41 29.35
C THR B 152 7.71 9.13 28.07
N ILE B 153 6.91 10.20 28.01
CA ILE B 153 6.84 11.09 26.90
C ILE B 153 7.14 12.52 27.41
N ASN B 154 8.13 13.17 26.80
CA ASN B 154 8.37 14.61 27.03
C ASN B 154 7.73 15.39 25.93
N VAL B 155 6.71 16.15 26.31
CA VAL B 155 5.90 16.92 25.42
C VAL B 155 5.86 18.39 25.87
N GLY B 156 6.29 19.31 25.00
CA GLY B 156 6.24 20.73 25.38
C GLY B 156 4.81 21.25 25.38
N ARG B 157 4.66 22.45 25.92
CA ARG B 157 3.39 23.09 25.96
C ARG B 157 2.82 23.30 24.56
N ASP B 158 3.69 23.47 23.57
CA ASP B 158 3.24 23.65 22.19
C ASP B 158 2.88 22.31 21.49
N GLY B 159 3.10 21.20 22.19
CA GLY B 159 2.78 19.90 21.68
C GLY B 159 3.87 19.18 20.91
N THR B 160 5.04 19.79 20.81
CA THR B 160 6.22 19.10 20.33
C THR B 160 6.70 18.03 21.25
N ILE B 161 6.99 16.88 20.65
CA ILE B 161 7.56 15.76 21.39
C ILE B 161 9.05 15.86 21.34
N HIS B 162 9.70 15.81 22.52
CA HIS B 162 11.14 15.89 22.58
C HIS B 162 11.75 14.55 22.83
N GLN B 163 11.06 13.70 23.53
CA GLN B 163 11.63 12.40 23.85
C GLN B 163 10.53 11.43 24.20
N PHE B 164 10.74 10.15 23.92
CA PHE B 164 9.98 9.11 24.56
C PHE B 164 10.79 7.88 24.81
N SER B 165 10.43 7.15 25.85
CA SER B 165 11.25 6.03 26.29
C SER B 165 10.35 5.03 26.94
N ALA B 166 10.73 3.77 26.90
CA ALA B 166 9.85 2.71 27.37
C ALA B 166 10.70 1.68 28.06
N VAL B 167 10.15 1.11 29.13
CA VAL B 167 10.76 -0.03 29.80
C VAL B 167 9.87 -1.23 29.60
N GLU B 168 10.36 -2.20 28.84
CA GLU B 168 9.64 -3.45 28.54
C GLU B 168 9.61 -4.32 29.79
N GLN B 169 8.84 -5.42 29.75
CA GLN B 169 8.72 -6.35 30.91
C GLN B 169 10.04 -7.06 31.27
N ASP B 170 10.79 -7.53 30.27
CA ASP B 170 12.15 -8.09 30.48
C ASP B 170 13.26 -7.06 30.90
N ASP B 171 12.85 -5.85 31.30
CA ASP B 171 13.74 -4.70 31.56
C ASP B 171 14.67 -4.22 30.43
N GLN B 172 14.32 -4.59 29.20
CA GLN B 172 14.78 -3.91 28.02
C GLN B 172 14.17 -2.49 27.97
N ARG B 173 15.03 -1.54 27.65
CA ARG B 173 14.79 -0.11 27.71
C ARG B 173 15.06 0.45 26.31
N SER B 174 14.16 1.29 25.80
CA SER B 174 14.44 2.02 24.55
C SER B 174 14.08 3.47 24.72
N SER B 175 14.88 4.34 24.12
CA SER B 175 14.58 5.77 24.13
C SER B 175 14.82 6.34 22.79
N TYR B 176 13.99 7.34 22.49
CA TYR B 176 14.05 8.07 21.27
C TYR B 176 14.13 9.51 21.65
N GLN B 177 15.11 10.23 21.12
CA GLN B 177 15.19 11.69 21.32
C GLN B 177 14.93 12.32 20.01
N LEU B 178 14.08 13.32 20.00
CA LEU B 178 13.69 13.93 18.76
C LEU B 178 14.28 15.35 18.70
N LYS B 179 14.70 15.81 17.55
CA LYS B 179 15.24 17.18 17.43
C LYS B 179 14.80 17.75 16.13
N SER B 180 14.99 19.05 16.00
CA SER B 180 14.71 19.79 14.78
C SER B 180 13.28 19.64 14.32
N GLN B 181 12.37 19.66 15.26
CA GLN B 181 11.00 19.39 14.96
C GLN B 181 10.43 20.52 14.12
N GLN B 182 9.70 20.20 13.06
CA GLN B 182 8.98 21.18 12.29
C GLN B 182 7.57 20.72 12.21
N ASN B 183 6.67 21.52 12.75
CA ASN B 183 5.29 21.12 12.86
C ASN B 183 4.71 21.65 11.63
N GLY B 184 3.60 21.13 11.18
CA GLY B 184 3.09 21.64 9.91
C GLY B 184 3.19 20.60 8.83
N ALA B 185 2.65 20.94 7.68
CA ALA B 185 2.19 19.98 6.69
C ALA B 185 3.35 19.17 6.10
N VAL B 186 3.15 17.88 5.99
CA VAL B 186 4.14 16.95 5.43
C VAL B 186 3.57 16.54 4.07
N ASP B 187 4.39 16.31 3.06
CA ASP B 187 3.86 15.81 1.75
C ASP B 187 3.31 14.37 1.95
N ALA B 188 2.21 14.09 1.26
CA ALA B 188 1.59 12.78 1.25
C ALA B 188 2.58 11.70 0.85
N ALA B 189 3.56 12.02 0.02
CA ALA B 189 4.57 11.03 -0.44
C ALA B 189 5.35 10.43 0.65
N LYS B 190 5.50 11.15 1.77
CA LYS B 190 6.17 10.55 2.87
C LYS B 190 5.50 9.33 3.45
N PHE B 191 4.19 9.18 3.23
CA PHE B 191 3.42 8.09 3.82
C PHE B 191 3.04 7.05 2.79
N THR B 192 3.71 7.04 1.67
CA THR B 192 3.49 5.98 0.65
C THR B 192 4.87 5.37 0.53
N PHE B 193 4.92 4.13 0.13
CA PHE B 193 6.22 3.52 -0.03
C PHE B 193 6.32 3.13 -1.44
N THR B 194 7.48 3.36 -2.00
CA THR B 194 7.85 2.79 -3.29
C THR B 194 9.24 2.14 -3.17
N PRO B 195 9.34 0.85 -3.43
CA PRO B 195 10.65 0.21 -3.31
C PRO B 195 11.60 0.64 -4.43
N PRO B 196 12.89 0.78 -4.13
CA PRO B 196 13.88 1.03 -5.16
C PRO B 196 13.92 -0.11 -6.16
N GLN B 197 14.51 0.17 -7.31
CA GLN B 197 14.72 -0.85 -8.34
C GLN B 197 15.47 -2.06 -7.77
N GLY B 198 15.11 -3.24 -8.21
CA GLY B 198 15.73 -4.47 -7.69
C GLY B 198 15.16 -4.95 -6.36
N VAL B 199 14.25 -4.22 -5.71
CA VAL B 199 13.75 -4.66 -4.44
C VAL B 199 12.50 -5.53 -4.66
N THR B 200 12.44 -6.65 -3.97
CA THR B 200 11.26 -7.50 -3.99
C THR B 200 10.34 -7.20 -2.82
N VAL B 201 9.06 -7.52 -3.01
CA VAL B 201 8.01 -7.26 -2.04
C VAL B 201 7.49 -8.59 -1.55
N ASP B 202 7.44 -8.74 -0.23
CA ASP B 202 6.71 -9.81 0.38
C ASP B 202 5.44 -9.28 0.89
N ASP B 203 4.33 -9.50 0.15
CA ASP B 203 3.02 -8.98 0.57
C ASP B 203 2.36 -9.98 1.51
N GLN B 204 2.42 -9.74 2.79
CA GLN B 204 1.81 -10.61 3.79
C GLN B 204 0.36 -10.29 4.14
N ARG B 205 -0.30 -9.37 3.42
CA ARG B 205 -1.60 -8.91 3.83
C ARG B 205 -2.65 -9.97 3.48
N LYS B 206 -3.36 -10.46 4.48
CA LYS B 206 -4.43 -11.44 4.18
C LYS B 206 -5.76 -10.70 3.91
N MET C 1 -45.79 43.88 -11.49
CA MET C 1 -45.12 42.79 -10.71
C MET C 1 -45.83 42.51 -9.38
N ASN C 2 -46.49 41.36 -9.26
CA ASN C 2 -47.04 40.92 -7.94
C ASN C 2 -45.95 40.45 -6.94
N GLY C 3 -46.35 40.24 -5.68
CA GLY C 3 -45.46 39.78 -4.62
C GLY C 3 -44.74 38.49 -4.98
N PHE C 4 -45.41 37.60 -5.70
CA PHE C 4 -44.81 36.33 -6.07
C PHE C 4 -43.61 36.55 -7.01
N GLU C 5 -43.81 37.34 -8.05
CA GLU C 5 -42.72 37.67 -8.94
C GLU C 5 -41.60 38.41 -8.20
N ARG C 6 -41.97 39.31 -7.29
CA ARG C 6 -41.00 40.11 -6.50
C ARG C 6 -40.08 39.22 -5.65
N GLU C 7 -40.70 38.32 -4.90
CA GLU C 7 -40.03 37.31 -4.16
C GLU C 7 -39.03 36.48 -5.03
N LEU C 8 -39.51 35.95 -6.14
CA LEU C 8 -38.67 35.20 -7.07
C LEU C 8 -37.46 36.03 -7.47
N GLN C 9 -37.71 37.26 -7.86
CA GLN C 9 -36.68 38.09 -8.48
C GLN C 9 -35.65 38.58 -7.43
N ASN C 10 -36.13 39.02 -6.28
CA ASN C 10 -35.31 39.68 -5.29
C ASN C 10 -34.57 38.67 -4.43
N ASN C 11 -35.17 37.53 -4.15
CA ASN C 11 -34.60 36.62 -3.19
C ASN C 11 -34.10 35.28 -3.70
N ILE C 12 -34.32 35.01 -5.00
CA ILE C 12 -33.85 33.80 -5.63
C ILE C 12 -33.04 34.16 -6.83
N LEU C 13 -33.64 34.79 -7.82
CA LEU C 13 -32.95 35.08 -9.07
C LEU C 13 -31.84 36.07 -8.83
N GLY C 14 -31.95 36.88 -7.79
CA GLY C 14 -30.90 37.80 -7.44
C GLY C 14 -29.63 37.15 -6.88
N LEU C 15 -29.71 35.88 -6.45
CA LEU C 15 -28.57 35.21 -5.80
C LEU C 15 -28.04 34.01 -6.55
N MET C 16 -28.57 33.72 -7.72
CA MET C 16 -28.11 32.59 -8.56
C MET C 16 -27.86 33.14 -9.99
N PRO C 17 -27.24 32.33 -10.86
CA PRO C 17 -27.08 32.68 -12.30
C PRO C 17 -28.41 32.82 -13.02
N GLN C 18 -28.74 34.04 -13.44
CA GLN C 18 -30.03 34.22 -14.13
C GLN C 18 -29.98 33.60 -15.52
N ALA C 19 -28.85 33.75 -16.17
CA ALA C 19 -28.66 33.14 -17.48
C ALA C 19 -27.23 33.03 -17.80
N ILE C 20 -26.92 32.11 -18.70
CA ILE C 20 -25.55 31.86 -19.03
C ILE C 20 -25.49 31.69 -20.54
N LEU C 21 -24.55 32.42 -21.14
CA LEU C 21 -24.22 32.23 -22.53
C LEU C 21 -23.09 31.23 -22.58
N SER C 22 -23.40 30.02 -23.05
CA SER C 22 -22.41 28.90 -23.06
C SER C 22 -22.08 28.52 -24.49
N SER C 23 -21.20 27.53 -24.64
CA SER C 23 -20.92 26.98 -25.95
C SER C 23 -22.03 26.04 -26.34
N GLU C 24 -22.24 25.88 -27.64
CA GLU C 24 -23.25 24.96 -28.15
C GLU C 24 -22.77 23.53 -27.85
N HIS C 25 -21.47 23.31 -27.95
CA HIS C 25 -20.88 22.02 -27.66
C HIS C 25 -19.76 22.19 -26.69
N GLY C 26 -19.87 21.41 -25.61
CA GLY C 26 -18.84 21.31 -24.59
C GLY C 26 -18.81 22.55 -23.76
N SER C 27 -17.62 22.92 -23.34
CA SER C 27 -17.40 24.13 -22.55
C SER C 27 -17.16 25.33 -23.48
N LEU C 28 -16.78 26.47 -22.93
CA LEU C 28 -16.53 27.67 -23.72
C LEU C 28 -15.10 28.14 -23.57
N ASN C 29 -14.48 28.40 -24.70
CA ASN C 29 -13.17 29.04 -24.76
C ASN C 29 -13.33 30.58 -24.72
N PRO C 30 -12.82 31.25 -23.68
CA PRO C 30 -12.90 32.70 -23.65
C PRO C 30 -12.03 33.45 -24.69
N GLN C 31 -11.12 32.75 -25.37
CA GLN C 31 -10.39 33.35 -26.50
C GLN C 31 -11.26 33.38 -27.76
N GLN C 32 -11.99 32.29 -28.02
CA GLN C 32 -12.92 32.23 -29.16
C GLN C 32 -14.23 33.05 -29.01
N LEU C 33 -14.72 33.25 -27.79
CA LEU C 33 -15.90 34.13 -27.53
C LEU C 33 -15.65 34.90 -26.24
N PRO C 34 -14.89 36.02 -26.35
CA PRO C 34 -14.52 36.77 -25.17
C PRO C 34 -15.67 37.60 -24.66
N GLU C 35 -15.49 38.19 -23.49
CA GLU C 35 -16.55 38.91 -22.81
C GLU C 35 -17.13 40.07 -23.67
N THR C 36 -16.23 40.77 -24.36
CA THR C 36 -16.61 41.93 -25.22
C THR C 36 -17.57 41.54 -26.37
N ALA C 37 -17.45 40.32 -26.85
CA ALA C 37 -18.32 39.80 -27.89
C ALA C 37 -19.67 39.36 -27.39
N VAL C 38 -19.96 39.58 -26.12
CA VAL C 38 -21.26 39.29 -25.57
C VAL C 38 -22.06 40.59 -25.53
N LYS C 39 -22.77 40.89 -26.61
CA LYS C 39 -23.61 42.06 -26.72
C LYS C 39 -24.98 41.50 -26.96
N LEU C 40 -25.87 41.68 -25.98
CA LEU C 40 -27.16 41.06 -25.98
C LEU C 40 -28.08 42.06 -25.36
N ASP C 41 -29.34 41.95 -25.77
CA ASP C 41 -30.40 42.81 -25.24
C ASP C 41 -30.85 42.32 -23.88
N GLY C 42 -31.12 43.27 -23.00
CA GLY C 42 -31.68 43.03 -21.69
C GLY C 42 -30.63 42.66 -20.65
N VAL C 43 -29.34 42.76 -21.02
CA VAL C 43 -28.22 42.36 -20.16
C VAL C 43 -27.45 43.55 -19.64
N ASN C 44 -27.42 43.76 -18.32
CA ASN C 44 -26.61 44.88 -17.76
C ASN C 44 -25.19 44.53 -17.27
N ARG C 45 -24.81 43.24 -17.32
CA ARG C 45 -23.56 42.80 -16.71
C ARG C 45 -23.26 41.36 -17.14
N VAL C 46 -21.97 41.11 -17.35
CA VAL C 46 -21.45 39.86 -17.82
C VAL C 46 -20.29 39.50 -16.92
N ALA C 47 -20.19 38.20 -16.54
CA ALA C 47 -19.03 37.71 -15.79
C ALA C 47 -18.76 36.23 -16.11
N PRO C 48 -17.49 35.83 -16.08
CA PRO C 48 -17.17 34.42 -16.35
C PRO C 48 -17.69 33.54 -15.21
N ILE C 49 -18.21 32.36 -15.59
CA ILE C 49 -18.63 31.36 -14.64
C ILE C 49 -18.29 29.94 -15.10
N THR C 50 -17.99 29.11 -14.11
CA THR C 50 -18.02 27.64 -14.34
C THR C 50 -18.97 27.10 -13.30
N THR C 51 -19.91 26.31 -13.76
CA THR C 51 -20.91 25.83 -12.81
C THR C 51 -21.32 24.45 -13.19
N GLY C 52 -21.71 23.66 -12.19
CA GLY C 52 -22.16 22.30 -12.42
C GLY C 52 -22.92 21.85 -11.17
N ASP C 53 -23.78 20.88 -11.37
CA ASP C 53 -24.51 20.25 -10.29
C ASP C 53 -23.50 19.25 -9.70
N VAL C 54 -23.44 19.17 -8.39
CA VAL C 54 -22.42 18.31 -7.74
C VAL C 54 -23.06 17.52 -6.65
N VAL C 55 -22.43 16.40 -6.30
CA VAL C 55 -22.75 15.64 -5.05
C VAL C 55 -21.64 15.91 -4.07
N LEU C 56 -22.02 16.19 -2.83
CA LEU C 56 -21.11 16.53 -1.77
C LEU C 56 -21.19 15.44 -0.71
N GLN C 57 -20.04 15.08 -0.17
CA GLN C 57 -20.03 14.08 0.92
C GLN C 57 -19.11 14.55 2.01
N SER C 58 -19.60 14.57 3.23
CA SER C 58 -18.70 14.90 4.36
C SER C 58 -18.50 13.59 5.15
N ALA C 59 -17.78 13.70 6.27
CA ALA C 59 -17.65 12.58 7.22
C ALA C 59 -19.03 12.07 7.69
N ARG C 60 -20.03 12.96 7.77
CA ARG C 60 -21.35 12.61 8.37
C ARG C 60 -22.53 12.53 7.46
N SER C 61 -22.49 13.16 6.28
CA SER C 61 -23.70 13.23 5.48
C SER C 61 -23.35 13.42 4.04
N VAL C 62 -24.38 13.52 3.22
CA VAL C 62 -24.23 13.78 1.81
C VAL C 62 -25.22 14.87 1.42
N ALA C 63 -24.94 15.60 0.35
CA ALA C 63 -25.87 16.65 -0.12
C ALA C 63 -25.69 16.84 -1.61
N VAL C 64 -26.63 17.54 -2.20
CA VAL C 64 -26.54 17.84 -3.60
C VAL C 64 -26.39 19.36 -3.61
N GLY C 65 -25.65 19.85 -4.56
CA GLY C 65 -25.42 21.28 -4.63
C GLY C 65 -25.15 21.81 -6.02
N VAL C 66 -24.97 23.12 -6.09
CA VAL C 66 -24.66 23.76 -7.33
C VAL C 66 -23.36 24.48 -7.05
N MET C 67 -22.35 24.11 -7.79
CA MET C 67 -21.03 24.72 -7.67
C MET C 67 -20.98 26.00 -8.52
N LEU C 68 -20.71 27.15 -7.89
CA LEU C 68 -20.52 28.39 -8.62
C LEU C 68 -19.06 28.70 -8.62
N GLY C 69 -18.41 28.43 -9.74
CA GLY C 69 -17.03 28.76 -9.86
C GLY C 69 -16.88 30.20 -10.39
N ILE C 70 -16.29 31.04 -9.59
CA ILE C 70 -16.27 32.48 -9.81
C ILE C 70 -14.86 33.01 -9.81
N ASP C 71 -14.71 34.15 -10.48
CA ASP C 71 -13.47 34.91 -10.29
C ASP C 71 -13.63 35.62 -8.99
N PRO C 72 -12.81 35.26 -7.98
CA PRO C 72 -12.99 35.78 -6.64
C PRO C 72 -12.66 37.25 -6.43
N ALA C 73 -11.99 37.87 -7.38
CA ALA C 73 -11.67 39.30 -7.34
C ALA C 73 -12.90 40.19 -7.63
N GLN C 74 -13.91 39.66 -8.30
CA GLN C 74 -15.13 40.39 -8.59
C GLN C 74 -16.27 40.08 -7.63
N LYS C 75 -17.17 41.07 -7.53
CA LYS C 75 -18.26 41.00 -6.60
C LYS C 75 -19.26 40.05 -7.16
N ASP C 76 -19.73 39.11 -6.33
CA ASP C 76 -20.82 38.26 -6.64
C ASP C 76 -21.99 38.78 -5.79
N PRO C 77 -23.21 38.47 -6.19
CA PRO C 77 -24.33 38.83 -5.31
C PRO C 77 -24.23 38.19 -3.93
N LEU C 78 -23.54 37.01 -3.82
CA LEU C 78 -23.35 36.45 -2.53
C LEU C 78 -22.26 37.07 -1.68
N THR C 79 -21.36 37.82 -2.30
CA THR C 79 -20.22 38.32 -1.57
C THR C 79 -20.50 39.05 -0.27
N PRO C 80 -21.55 39.91 -0.25
CA PRO C 80 -21.83 40.59 1.02
C PRO C 80 -22.23 39.66 2.12
N TYR C 81 -22.66 38.45 1.80
CA TYR C 81 -23.25 37.55 2.80
C TYR C 81 -22.27 36.52 3.37
N LEU C 82 -21.01 36.61 2.98
CA LEU C 82 -19.95 35.77 3.55
C LEU C 82 -19.83 36.01 5.04
N VAL C 83 -19.74 34.96 5.83
CA VAL C 83 -19.62 35.01 7.27
C VAL C 83 -18.14 34.78 7.66
N ASN C 84 -17.43 35.84 8.03
CA ASN C 84 -16.04 35.70 8.55
C ASN C 84 -15.08 34.90 7.62
N VAL C 85 -15.13 35.20 6.34
CA VAL C 85 -14.27 34.57 5.41
C VAL C 85 -14.22 35.56 4.31
N LYS C 86 -13.07 35.72 3.73
CA LYS C 86 -12.86 36.59 2.59
C LYS C 86 -12.95 35.80 1.33
N GLN C 87 -13.61 36.35 0.34
CA GLN C 87 -13.81 35.64 -0.95
C GLN C 87 -12.49 35.38 -1.67
N THR C 88 -11.54 36.29 -1.53
CA THR C 88 -10.24 36.12 -2.13
C THR C 88 -9.44 34.93 -1.56
N ASP C 89 -9.82 34.37 -0.44
CA ASP C 89 -9.26 33.10 -0.02
C ASP C 89 -9.58 31.93 -0.97
N LEU C 90 -10.45 32.12 -1.96
CA LEU C 90 -10.70 31.10 -2.98
C LEU C 90 -9.60 31.21 -4.03
N GLU C 91 -8.36 30.93 -3.63
CA GLU C 91 -7.19 30.97 -4.56
C GLU C 91 -7.13 29.80 -5.53
N PRO C 92 -6.73 30.04 -6.78
CA PRO C 92 -6.76 28.95 -7.76
C PRO C 92 -5.75 27.85 -7.32
N GLY C 93 -6.13 26.58 -7.40
CA GLY C 93 -5.21 25.49 -6.99
C GLY C 93 -5.25 25.16 -5.56
N LYS C 94 -6.02 25.88 -4.75
CA LYS C 94 -6.18 25.47 -3.36
C LYS C 94 -7.45 24.63 -3.04
N TYR C 95 -8.40 24.60 -3.94
CA TYR C 95 -9.60 23.77 -3.76
C TYR C 95 -10.34 24.11 -2.46
N ASN C 96 -10.40 25.42 -2.16
CA ASN C 96 -11.23 25.93 -1.12
C ASN C 96 -12.68 26.08 -1.57
N VAL C 97 -13.58 26.05 -0.58
CA VAL C 97 -14.99 26.15 -0.83
C VAL C 97 -15.67 26.99 0.27
N ILE C 98 -16.61 27.86 -0.13
CA ILE C 98 -17.44 28.60 0.81
C ILE C 98 -18.83 28.02 0.58
N LEU C 99 -19.39 27.43 1.60
CA LEU C 99 -20.68 26.75 1.50
C LEU C 99 -21.83 27.67 1.96
N GLY C 100 -22.99 27.53 1.31
CA GLY C 100 -24.19 28.11 1.94
C GLY C 100 -24.32 27.54 3.39
N GLU C 101 -24.77 28.39 4.30
CA GLU C 101 -24.73 28.02 5.71
C GLU C 101 -25.65 26.85 6.02
N GLN C 102 -26.80 26.71 5.32
CA GLN C 102 -27.69 25.56 5.57
C GLN C 102 -27.04 24.29 4.96
N LEU C 103 -26.43 24.42 3.82
CA LEU C 103 -25.70 23.30 3.22
C LEU C 103 -24.59 22.83 4.15
N ALA C 104 -23.82 23.76 4.70
CA ALA C 104 -22.85 23.42 5.69
C ALA C 104 -23.37 22.70 6.93
N SER C 105 -24.46 23.20 7.50
CA SER C 105 -25.05 22.49 8.64
C SER C 105 -25.67 21.12 8.21
N GLN C 106 -26.26 20.98 7.00
CA GLN C 106 -26.69 19.66 6.51
C GLN C 106 -25.49 18.66 6.44
N LEU C 107 -24.33 19.12 6.07
CA LEU C 107 -23.16 18.27 5.96
C LEU C 107 -22.43 18.08 7.30
N GLY C 108 -22.74 18.96 8.26
CA GLY C 108 -22.12 18.95 9.55
C GLY C 108 -20.70 19.40 9.46
N VAL C 109 -20.42 20.43 8.67
CA VAL C 109 -19.04 20.92 8.56
C VAL C 109 -18.90 22.39 8.87
N ASN C 110 -17.69 22.84 9.15
CA ASN C 110 -17.40 24.27 9.08
C ASN C 110 -15.94 24.47 8.71
N ARG C 111 -15.51 25.73 8.75
CA ARG C 111 -14.16 26.15 8.52
C ARG C 111 -13.14 25.13 9.06
N GLY C 112 -12.27 24.63 8.20
CA GLY C 112 -11.26 23.66 8.57
C GLY C 112 -11.56 22.22 8.24
N ASP C 113 -12.80 21.88 7.93
CA ASP C 113 -13.14 20.53 7.47
C ASP C 113 -12.92 20.39 6.00
N GLN C 114 -13.01 19.17 5.54
CA GLN C 114 -13.04 18.84 4.11
C GLN C 114 -14.33 18.23 3.68
N ILE C 115 -14.64 18.32 2.38
CA ILE C 115 -15.77 17.62 1.79
C ILE C 115 -15.32 17.06 0.49
N ARG C 116 -15.99 16.03 0.04
CA ARG C 116 -15.65 15.46 -1.23
C ARG C 116 -16.69 16.00 -2.20
N VAL C 117 -16.23 16.54 -3.34
CA VAL C 117 -17.08 17.07 -4.39
C VAL C 117 -17.05 16.21 -5.65
N MET C 118 -18.16 15.70 -6.07
CA MET C 118 -18.23 14.84 -7.25
C MET C 118 -19.14 15.50 -8.30
N VAL C 119 -18.76 15.38 -9.56
CA VAL C 119 -19.51 15.91 -10.70
C VAL C 119 -19.96 14.70 -11.54
N PRO C 120 -21.20 14.28 -11.35
CA PRO C 120 -21.63 13.08 -12.08
C PRO C 120 -21.63 13.25 -13.61
N SER C 121 -21.96 14.43 -14.10
CA SER C 121 -21.91 14.70 -15.52
C SER C 121 -20.53 14.67 -16.17
N ALA C 122 -19.43 14.61 -15.40
CA ALA C 122 -18.04 14.62 -15.94
C ALA C 122 -17.30 13.36 -15.52
N SER C 123 -16.82 12.56 -16.45
CA SER C 123 -16.36 11.17 -16.17
C SER C 123 -15.07 10.91 -16.88
N GLN C 124 -14.34 9.89 -16.42
CA GLN C 124 -13.24 9.32 -17.21
C GLN C 124 -13.55 7.87 -17.37
N PHE C 125 -13.48 7.35 -18.58
CA PHE C 125 -13.59 5.92 -18.85
C PHE C 125 -12.20 5.31 -18.62
N THR C 126 -12.18 4.28 -17.81
CA THR C 126 -10.92 3.57 -17.55
C THR C 126 -11.21 2.06 -17.57
N PRO C 127 -10.14 1.27 -17.67
CA PRO C 127 -10.30 -0.19 -17.64
C PRO C 127 -10.85 -0.79 -16.30
N MET C 128 -10.91 0.01 -15.25
CA MET C 128 -11.56 -0.34 -13.98
C MET C 128 -12.95 0.30 -13.85
N GLY C 129 -13.53 0.76 -14.96
CA GLY C 129 -14.85 1.41 -14.93
C GLY C 129 -14.87 2.91 -15.21
N ARG C 130 -16.07 3.48 -15.29
CA ARG C 130 -16.24 4.92 -15.54
C ARG C 130 -16.04 5.56 -14.18
N ILE C 131 -15.19 6.56 -14.09
CA ILE C 131 -14.88 7.19 -12.78
C ILE C 131 -15.32 8.68 -12.85
N PRO C 132 -16.31 9.06 -12.05
CA PRO C 132 -16.74 10.48 -12.06
C PRO C 132 -15.66 11.39 -11.51
N SER C 133 -15.62 12.62 -11.99
CA SER C 133 -14.68 13.57 -11.57
C SER C 133 -14.99 13.94 -10.09
N GLN C 134 -13.99 14.05 -9.27
CA GLN C 134 -14.20 14.25 -7.82
C GLN C 134 -12.94 14.73 -7.21
N ARG C 135 -13.09 15.45 -6.09
CA ARG C 135 -11.97 15.93 -5.38
C ARG C 135 -12.39 16.36 -3.99
N LEU C 136 -11.48 16.32 -3.05
CA LEU C 136 -11.66 16.94 -1.77
C LEU C 136 -11.53 18.44 -1.91
N PHE C 137 -12.41 19.18 -1.25
CA PHE C 137 -12.31 20.65 -1.12
C PHE C 137 -12.24 21.00 0.35
N ASN C 138 -11.54 22.08 0.67
CA ASN C 138 -11.34 22.57 2.04
C ASN C 138 -12.38 23.63 2.36
N VAL C 139 -13.25 23.34 3.31
CA VAL C 139 -14.28 24.29 3.70
C VAL C 139 -13.59 25.44 4.45
N ILE C 140 -13.62 26.67 3.91
CA ILE C 140 -12.99 27.81 4.58
C ILE C 140 -14.08 28.73 5.24
N GLY C 141 -15.35 28.53 4.92
CA GLY C 141 -16.43 29.17 5.69
C GLY C 141 -17.74 29.07 4.97
N THR C 142 -18.63 30.01 5.26
CA THR C 142 -19.98 29.92 4.77
C THR C 142 -20.50 31.30 4.35
N PHE C 143 -21.60 31.28 3.60
CA PHE C 143 -22.40 32.54 3.36
C PHE C 143 -23.77 32.31 3.92
N ALA C 144 -24.46 33.41 4.26
CA ALA C 144 -25.79 33.34 4.85
C ALA C 144 -26.59 34.49 4.26
N ALA C 145 -27.33 34.21 3.20
CA ALA C 145 -28.03 35.21 2.47
C ALA C 145 -29.50 35.27 2.89
N ASN C 146 -29.91 34.38 3.79
CA ASN C 146 -31.29 34.22 4.19
C ASN C 146 -32.19 34.00 2.96
N SER C 147 -31.86 32.97 2.18
CA SER C 147 -32.53 32.56 0.96
C SER C 147 -32.37 31.06 0.82
N GLU C 148 -33.19 30.42 0.00
CA GLU C 148 -33.02 29.01 -0.27
C GLU C 148 -31.61 28.65 -0.86
N VAL C 149 -30.95 29.60 -1.53
CA VAL C 149 -29.63 29.32 -2.03
C VAL C 149 -28.61 28.93 -0.93
N ASP C 150 -28.86 29.31 0.30
CA ASP C 150 -28.04 28.93 1.43
C ASP C 150 -28.00 27.38 1.61
N GLY C 151 -29.00 26.68 1.10
CA GLY C 151 -29.11 25.23 1.19
C GLY C 151 -28.44 24.50 0.06
N TYR C 152 -27.91 25.16 -0.95
CA TYR C 152 -27.40 24.42 -2.07
C TYR C 152 -26.33 25.04 -2.90
N GLU C 153 -26.14 26.36 -2.85
CA GLU C 153 -25.07 26.95 -3.63
C GLU C 153 -23.77 26.93 -2.81
N MET C 154 -22.66 26.90 -3.52
CA MET C 154 -21.34 27.01 -2.94
C MET C 154 -20.43 27.75 -3.90
N LEU C 155 -19.45 28.48 -3.35
CA LEU C 155 -18.52 29.25 -4.16
C LEU C 155 -17.13 28.57 -4.11
N VAL C 156 -16.57 28.39 -5.29
CA VAL C 156 -15.22 27.94 -5.39
C VAL C 156 -14.52 28.81 -6.42
N ASN C 157 -13.20 28.67 -6.48
CA ASN C 157 -12.45 29.36 -7.55
C ASN C 157 -12.83 28.79 -8.90
N ILE C 158 -13.06 29.65 -9.86
CA ILE C 158 -13.48 29.24 -11.23
C ILE C 158 -12.55 28.25 -11.92
N GLU C 159 -11.27 28.42 -11.66
CA GLU C 159 -10.32 27.54 -12.27
C GLU C 159 -10.40 26.15 -11.62
N ASP C 160 -10.51 26.07 -10.30
CA ASP C 160 -10.75 24.76 -9.65
C ASP C 160 -11.97 24.14 -10.19
N ALA C 161 -13.01 24.94 -10.41
CA ALA C 161 -14.24 24.42 -10.88
C ALA C 161 -14.11 23.84 -12.29
N SER C 162 -13.44 24.57 -13.16
CA SER C 162 -13.16 24.10 -14.55
C SER C 162 -12.35 22.76 -14.62
N ARG C 163 -11.36 22.63 -13.77
CA ARG C 163 -10.65 21.34 -13.61
C ARG C 163 -11.57 20.22 -13.16
N LEU C 164 -12.42 20.54 -12.18
CA LEU C 164 -13.38 19.55 -11.75
C LEU C 164 -14.39 19.17 -12.81
N MET C 165 -14.74 20.13 -13.64
CA MET C 165 -15.67 19.83 -14.74
C MET C 165 -14.99 19.11 -15.89
N ARG C 166 -13.67 18.99 -15.82
CA ARG C 166 -12.84 18.33 -16.82
C ARG C 166 -12.85 19.10 -18.12
N TYR C 167 -12.98 20.42 -18.04
CA TYR C 167 -12.93 21.23 -19.22
C TYR C 167 -11.47 21.31 -19.66
N PRO C 168 -11.22 21.51 -20.98
CA PRO C 168 -9.89 21.97 -21.43
C PRO C 168 -9.39 23.13 -20.62
N ALA C 169 -8.11 23.17 -20.31
CA ALA C 169 -7.57 24.27 -19.48
C ALA C 169 -7.92 25.60 -20.14
N GLY C 170 -8.28 26.59 -19.32
CA GLY C 170 -8.74 27.92 -19.80
C GLY C 170 -10.19 28.00 -20.17
N ASN C 171 -10.88 26.89 -20.45
CA ASN C 171 -12.30 26.95 -20.70
C ASN C 171 -13.13 27.09 -19.44
N ILE C 172 -14.37 27.54 -19.64
CA ILE C 172 -15.32 27.86 -18.60
C ILE C 172 -16.63 27.36 -19.10
N THR C 173 -17.62 27.34 -18.24
CA THR C 173 -18.97 26.97 -18.68
C THR C 173 -19.55 28.06 -19.65
N GLY C 174 -19.29 29.31 -19.33
CA GLY C 174 -19.76 30.40 -20.15
C GLY C 174 -19.80 31.73 -19.45
N TRP C 175 -20.64 32.61 -20.00
CA TRP C 175 -20.67 33.97 -19.54
C TRP C 175 -21.94 34.13 -18.82
N ARG C 176 -21.82 34.36 -17.52
CA ARG C 176 -22.99 34.56 -16.69
C ARG C 176 -23.61 35.95 -17.04
N LEU C 177 -24.94 36.03 -17.10
CA LEU C 177 -25.63 37.27 -17.45
C LEU C 177 -26.46 37.73 -16.27
N TRP C 178 -26.44 39.02 -16.01
CA TRP C 178 -27.42 39.69 -15.17
C TRP C 178 -28.35 40.50 -16.06
N LEU C 179 -29.64 40.31 -15.83
CA LEU C 179 -30.66 40.86 -16.73
C LEU C 179 -31.37 42.03 -16.04
N ASP C 180 -31.77 43.03 -16.85
CA ASP C 180 -32.62 44.10 -16.33
C ASP C 180 -33.90 43.53 -15.86
N GLU C 181 -34.49 42.64 -16.66
CA GLU C 181 -35.73 41.97 -16.25
C GLU C 181 -35.57 40.44 -16.27
N PRO C 182 -35.10 39.84 -15.15
CA PRO C 182 -34.84 38.37 -15.17
C PRO C 182 -36.10 37.53 -15.40
N LEU C 183 -37.27 38.11 -15.16
CA LEU C 183 -38.55 37.43 -15.44
C LEU C 183 -38.92 37.29 -16.92
N LYS C 184 -38.21 37.98 -17.82
CA LYS C 184 -38.49 37.94 -19.25
C LYS C 184 -37.45 37.18 -20.03
N VAL C 185 -36.90 36.16 -19.41
CA VAL C 185 -35.97 35.28 -20.08
C VAL C 185 -36.61 34.52 -21.23
N ASP C 186 -37.95 34.39 -21.18
CA ASP C 186 -38.71 33.79 -22.26
C ASP C 186 -38.40 34.52 -23.57
N SER C 187 -38.62 35.83 -23.58
CA SER C 187 -38.35 36.67 -24.77
C SER C 187 -36.85 36.79 -25.06
N LEU C 188 -36.06 37.08 -24.01
CA LEU C 188 -34.62 37.34 -24.14
C LEU C 188 -33.80 36.17 -24.66
N SER C 189 -34.25 34.93 -24.44
CA SER C 189 -33.62 33.74 -25.01
C SER C 189 -33.70 33.62 -26.54
N GLN C 190 -34.72 34.27 -27.12
CA GLN C 190 -35.02 34.17 -28.56
C GLN C 190 -34.09 35.00 -29.43
N GLN C 191 -33.41 35.98 -28.84
CA GLN C 191 -32.63 36.94 -29.56
C GLN C 191 -31.47 36.27 -30.27
N LYS C 192 -30.81 37.06 -31.11
CA LYS C 192 -29.77 36.54 -31.95
C LYS C 192 -28.54 36.40 -31.05
N LEU C 193 -27.90 35.22 -31.06
CA LEU C 193 -26.73 34.91 -30.20
C LEU C 193 -25.46 34.95 -30.99
N PRO C 194 -24.30 35.11 -30.34
CA PRO C 194 -23.06 34.83 -31.08
C PRO C 194 -23.04 33.40 -31.54
N GLU C 195 -22.12 33.06 -32.42
CA GLU C 195 -22.39 31.88 -33.27
C GLU C 195 -21.82 30.64 -32.63
N GLY C 196 -22.60 29.55 -32.64
CA GLY C 196 -22.23 28.33 -31.93
C GLY C 196 -22.15 28.53 -30.42
N SER C 197 -22.97 29.48 -29.92
CA SER C 197 -23.16 29.71 -28.50
C SER C 197 -24.62 29.36 -28.23
N LYS C 198 -25.00 29.13 -26.98
CA LYS C 198 -26.42 28.92 -26.66
C LYS C 198 -26.78 29.55 -25.34
N TRP C 199 -28.08 29.69 -25.16
CA TRP C 199 -28.64 30.40 -24.06
C TRP C 199 -29.22 29.36 -23.13
N GLN C 200 -28.79 29.46 -21.87
CA GLN C 200 -29.35 28.68 -20.76
C GLN C 200 -29.85 29.71 -19.74
N ASP C 201 -30.90 29.42 -19.00
CA ASP C 201 -31.30 30.34 -17.95
C ASP C 201 -31.94 29.59 -16.78
N TRP C 202 -32.28 30.35 -15.76
CA TRP C 202 -32.88 29.85 -14.55
C TRP C 202 -34.07 28.91 -14.70
N ARG C 203 -34.71 28.86 -15.86
CA ARG C 203 -35.77 27.84 -16.11
C ARG C 203 -35.27 26.40 -16.09
N ASP C 204 -34.00 26.19 -16.43
CA ASP C 204 -33.35 24.86 -16.27
C ASP C 204 -33.26 24.39 -14.81
N ARG C 205 -33.11 25.30 -13.87
CA ARG C 205 -33.12 25.02 -12.44
C ARG C 205 -34.56 24.86 -11.95
N LYS C 206 -35.48 25.64 -12.52
CA LYS C 206 -36.94 25.48 -12.29
C LYS C 206 -37.74 24.35 -12.96
N GLY C 207 -37.58 24.11 -14.24
CA GLY C 207 -38.31 23.02 -14.94
C GLY C 207 -37.93 21.60 -14.52
N GLU C 208 -36.65 21.43 -14.12
CA GLU C 208 -36.15 20.16 -13.54
C GLU C 208 -36.62 19.94 -12.07
N LEU C 209 -36.91 21.03 -11.34
CA LEU C 209 -37.51 20.98 -9.98
C LEU C 209 -39.05 20.73 -9.96
N PHE C 210 -39.82 21.35 -10.87
CA PHE C 210 -41.29 21.06 -11.01
C PHE C 210 -41.59 19.62 -11.44
N GLN C 211 -40.69 19.06 -12.26
CA GLN C 211 -40.73 17.65 -12.65
C GLN C 211 -40.36 16.68 -11.50
N ALA C 212 -39.34 16.99 -10.70
CA ALA C 212 -38.97 16.19 -9.53
C ALA C 212 -40.05 16.18 -8.40
N VAL C 213 -40.75 17.31 -8.19
CA VAL C 213 -41.89 17.39 -7.23
C VAL C 213 -43.13 16.63 -7.75
N ARG C 214 -43.40 16.70 -9.04
CA ARG C 214 -44.46 15.91 -9.70
C ARG C 214 -44.18 14.37 -9.64
N MET C 215 -42.94 13.94 -9.89
CA MET C 215 -42.49 12.53 -9.72
C MET C 215 -42.80 12.01 -8.30
N GLU C 216 -42.45 12.74 -7.24
CA GLU C 216 -42.79 12.34 -5.84
C GLU C 216 -44.31 12.19 -5.57
N LYS C 217 -45.13 13.07 -6.16
CA LYS C 217 -46.61 13.01 -6.04
C LYS C 217 -47.23 11.76 -6.70
N ASN C 218 -46.68 11.38 -7.86
CA ASN C 218 -47.05 10.15 -8.58
C ASN C 218 -46.53 8.84 -7.91
N MET C 219 -45.33 8.89 -7.32
CA MET C 219 -44.82 7.80 -6.42
C MET C 219 -45.82 7.60 -5.25
N ALA C 220 -46.26 8.73 -4.65
CA ALA C 220 -47.26 8.71 -3.55
C ALA C 220 -48.67 8.13 -3.93
N ALA C 221 -49.21 8.50 -5.11
CA ALA C 221 -50.52 8.00 -5.61
C ALA C 221 -50.46 6.52 -6.06
N ALA C 222 -49.37 6.15 -6.75
CA ALA C 222 -49.08 4.75 -7.13
C ALA C 222 -49.07 3.78 -5.93
N LEU C 223 -48.34 4.13 -4.86
CA LEU C 223 -48.30 3.33 -3.61
C LEU C 223 -49.60 3.35 -2.80
N GLU C 224 -50.28 4.51 -2.73
CA GLU C 224 -51.63 4.59 -2.10
C GLU C 224 -52.68 3.72 -2.85
N HIS C 225 -52.74 3.87 -4.18
CA HIS C 225 -53.77 3.23 -5.02
C HIS C 225 -53.52 1.72 -5.15
N SER D 19 -20.45 -28.04 -29.61
CA SER D 19 -21.45 -27.37 -28.70
C SER D 19 -20.72 -26.83 -27.46
N HIS D 20 -21.22 -27.23 -26.29
CA HIS D 20 -20.46 -27.28 -25.01
C HIS D 20 -19.01 -27.65 -25.13
N MET D 21 -18.77 -28.78 -25.84
CA MET D 21 -17.46 -29.28 -26.35
C MET D 21 -16.44 -28.14 -26.62
N ALA D 22 -16.90 -27.24 -27.48
CA ALA D 22 -16.04 -26.21 -28.05
C ALA D 22 -15.70 -25.11 -26.99
N SER D 23 -16.67 -24.66 -26.19
CA SER D 23 -16.42 -23.70 -25.09
C SER D 23 -15.53 -24.20 -23.95
N MET D 24 -15.65 -25.48 -23.57
CA MET D 24 -14.78 -26.07 -22.52
C MET D 24 -13.34 -26.07 -23.03
N ASP D 25 -13.23 -26.50 -24.29
CA ASP D 25 -11.96 -26.53 -24.99
C ASP D 25 -11.38 -25.12 -25.00
N ALA D 26 -12.18 -24.15 -25.45
CA ALA D 26 -11.71 -22.77 -25.56
C ALA D 26 -11.33 -22.16 -24.18
N ALA D 27 -12.07 -22.49 -23.11
CA ALA D 27 -11.82 -21.95 -21.76
C ALA D 27 -10.51 -22.48 -21.25
N SER D 28 -10.33 -23.76 -21.46
CA SER D 28 -9.05 -24.40 -21.13
C SER D 28 -7.87 -23.85 -21.96
N ASP D 29 -8.06 -23.57 -23.24
CA ASP D 29 -6.97 -23.05 -24.10
C ASP D 29 -6.64 -21.58 -23.72
N LEU D 30 -7.66 -20.76 -23.49
CA LEU D 30 -7.48 -19.36 -23.03
C LEU D 30 -6.61 -19.32 -21.75
N LYS D 31 -6.97 -20.13 -20.77
CA LYS D 31 -6.23 -20.20 -19.53
C LYS D 31 -4.77 -20.70 -19.64
N SER D 32 -4.56 -21.76 -20.41
CA SER D 32 -3.23 -22.31 -20.62
C SER D 32 -2.36 -21.30 -21.35
N ARG D 33 -2.95 -20.53 -22.24
CA ARG D 33 -2.18 -19.50 -22.91
C ARG D 33 -1.79 -18.40 -21.87
N LEU D 34 -2.76 -17.89 -21.16
CA LEU D 34 -2.50 -16.79 -20.20
C LEU D 34 -1.60 -17.22 -19.09
N ASP D 35 -1.64 -18.50 -18.75
CA ASP D 35 -0.71 -19.07 -17.78
C ASP D 35 0.75 -18.92 -18.16
N LYS D 36 1.08 -18.76 -19.43
CA LYS D 36 2.48 -18.64 -19.82
C LYS D 36 3.06 -17.29 -19.47
N VAL D 37 2.25 -16.28 -19.11
CA VAL D 37 2.83 -14.93 -18.91
C VAL D 37 2.43 -14.51 -17.49
N SER D 38 3.37 -14.35 -16.59
CA SER D 38 2.95 -14.00 -15.23
C SER D 38 3.02 -12.44 -15.05
N SER D 39 3.78 -11.73 -15.87
CA SER D 39 3.80 -10.31 -15.82
C SER D 39 4.24 -9.72 -17.09
N PHE D 40 3.76 -8.53 -17.42
CA PHE D 40 4.17 -7.90 -18.68
C PHE D 40 4.07 -6.42 -18.63
N HIS D 41 4.76 -5.79 -19.55
CA HIS D 41 4.60 -4.41 -19.87
C HIS D 41 4.14 -4.27 -21.33
N ALA D 42 3.30 -3.30 -21.64
CA ALA D 42 2.88 -2.98 -23.00
C ALA D 42 2.47 -1.52 -23.13
N SER D 43 2.52 -1.00 -24.36
CA SER D 43 1.91 0.26 -24.68
C SER D 43 0.47 -0.08 -25.08
N PHE D 44 -0.45 0.86 -24.93
CA PHE D 44 -1.80 0.63 -25.29
C PHE D 44 -2.36 1.81 -25.98
N THR D 45 -3.38 1.54 -26.80
CA THR D 45 -4.30 2.52 -27.26
C THR D 45 -5.70 2.06 -26.85
N GLN D 46 -6.52 3.03 -26.46
CA GLN D 46 -7.86 2.88 -25.92
C GLN D 46 -8.79 3.68 -26.80
N LYS D 47 -9.95 3.08 -27.08
CA LYS D 47 -10.99 3.67 -27.94
C LYS D 47 -12.33 3.29 -27.29
N VAL D 48 -13.14 4.28 -26.98
CA VAL D 48 -14.45 4.08 -26.32
C VAL D 48 -15.49 4.79 -27.17
N THR D 49 -16.63 4.14 -27.39
CA THR D 49 -17.71 4.74 -28.17
C THR D 49 -19.06 4.36 -27.57
N ASP D 50 -20.01 5.31 -27.55
CA ASP D 50 -21.42 5.04 -27.16
C ASP D 50 -22.16 4.04 -28.09
N GLY D 51 -23.43 3.75 -27.75
CA GLY D 51 -24.37 3.02 -28.64
C GLY D 51 -24.51 3.52 -30.09
N SER D 52 -24.34 4.82 -30.31
CA SER D 52 -24.40 5.43 -31.66
C SER D 52 -23.20 5.17 -32.61
N GLY D 53 -22.13 4.56 -32.11
CA GLY D 53 -20.89 4.42 -32.88
C GLY D 53 -20.09 5.71 -32.98
N ALA D 54 -20.34 6.65 -32.05
CA ALA D 54 -19.59 7.92 -31.95
C ALA D 54 -18.53 7.81 -30.83
N ALA D 55 -17.29 8.22 -31.14
CA ALA D 55 -16.18 8.20 -30.18
C ALA D 55 -16.38 9.14 -29.01
N VAL D 56 -16.42 8.60 -27.78
CA VAL D 56 -16.58 9.38 -26.54
C VAL D 56 -15.30 9.48 -25.66
N GLN D 57 -14.20 8.82 -26.06
CA GLN D 57 -12.89 8.90 -25.37
C GLN D 57 -11.88 8.07 -26.15
N GLU D 58 -10.67 8.59 -26.25
CA GLU D 58 -9.59 7.92 -26.94
C GLU D 58 -8.34 8.25 -26.19
N GLY D 59 -7.36 7.36 -26.23
CA GLY D 59 -6.17 7.62 -25.42
C GLY D 59 -5.10 6.59 -25.59
N GLN D 60 -3.96 6.85 -24.98
CA GLN D 60 -2.86 5.94 -25.09
C GLN D 60 -2.02 6.06 -23.87
N GLY D 61 -1.17 5.08 -23.68
CA GLY D 61 -0.17 5.12 -22.67
C GLY D 61 0.46 3.76 -22.45
N ASP D 62 0.81 3.47 -21.19
CA ASP D 62 1.56 2.27 -20.75
C ASP D 62 0.74 1.45 -19.76
N LEU D 63 0.97 0.15 -19.75
CA LEU D 63 0.33 -0.81 -18.92
C LEU D 63 1.36 -1.79 -18.40
N TRP D 64 1.34 -2.02 -17.08
CA TRP D 64 2.12 -3.10 -16.48
C TRP D 64 1.15 -3.94 -15.71
N VAL D 65 1.33 -5.27 -15.74
CA VAL D 65 0.47 -6.22 -15.05
C VAL D 65 1.38 -7.26 -14.40
N LYS D 66 1.06 -7.67 -13.19
CA LYS D 66 1.61 -8.88 -12.64
C LYS D 66 0.49 -9.65 -12.04
N ARG D 67 0.30 -10.90 -12.48
CA ARG D 67 -0.89 -11.66 -12.09
C ARG D 67 -0.80 -12.04 -10.65
N PRO D 68 -1.90 -12.08 -9.90
CA PRO D 68 -3.25 -11.99 -10.40
C PRO D 68 -3.90 -10.57 -10.34
N ASN D 69 -3.32 -9.66 -9.58
CA ASN D 69 -4.02 -8.40 -9.33
C ASN D 69 -3.16 -7.13 -9.08
N LEU D 70 -1.95 -7.09 -9.62
CA LEU D 70 -1.09 -5.97 -9.58
C LEU D 70 -1.09 -5.36 -10.96
N PHE D 71 -1.26 -4.06 -11.03
CA PHE D 71 -1.22 -3.37 -12.31
C PHE D 71 -1.00 -1.91 -12.15
N ASN D 72 -0.56 -1.31 -13.27
CA ASN D 72 -0.30 0.09 -13.38
C ASN D 72 -0.73 0.47 -14.85
N TRP D 73 -1.81 1.21 -14.97
CA TRP D 73 -2.35 1.76 -16.17
C TRP D 73 -2.03 3.23 -16.15
N HIS D 74 -1.17 3.67 -17.04
CA HIS D 74 -0.74 5.04 -17.12
C HIS D 74 -1.10 5.63 -18.49
N MET D 75 -2.22 6.30 -18.51
CA MET D 75 -2.68 7.01 -19.68
C MET D 75 -1.89 8.31 -19.75
N THR D 76 -1.30 8.59 -20.90
CA THR D 76 -0.45 9.81 -21.05
C THR D 76 -1.00 10.84 -21.99
N GLN D 77 -1.79 10.43 -22.94
CA GLN D 77 -2.44 11.39 -23.86
C GLN D 77 -3.87 10.91 -24.03
N PRO D 78 -4.78 11.83 -24.31
CA PRO D 78 -4.52 13.29 -24.37
C PRO D 78 -4.42 13.90 -22.96
N ASP D 79 -4.96 13.19 -21.96
CA ASP D 79 -4.92 13.59 -20.54
C ASP D 79 -4.15 12.53 -19.75
N GLU D 80 -3.41 12.92 -18.73
CA GLU D 80 -2.66 11.98 -17.94
C GLU D 80 -3.56 11.41 -16.83
N SER D 81 -3.60 10.10 -16.64
CA SER D 81 -4.12 9.56 -15.39
C SER D 81 -3.49 8.20 -15.12
N ILE D 82 -3.46 7.86 -13.85
CA ILE D 82 -2.78 6.64 -13.40
C ILE D 82 -3.70 5.85 -12.52
N LEU D 83 -3.85 4.57 -12.80
CA LEU D 83 -4.54 3.62 -11.91
C LEU D 83 -3.50 2.60 -11.52
N VAL D 84 -3.23 2.48 -10.21
CA VAL D 84 -2.22 1.56 -9.70
C VAL D 84 -2.87 0.69 -8.65
N SER D 85 -2.69 -0.62 -8.77
CA SER D 85 -3.11 -1.55 -7.78
C SER D 85 -1.86 -2.21 -7.15
N ASP D 86 -1.70 -2.10 -5.81
CA ASP D 86 -0.69 -2.84 -5.05
C ASP D 86 -1.18 -4.20 -4.60
N GLY D 87 -2.27 -4.70 -5.15
CA GLY D 87 -2.87 -5.96 -4.75
C GLY D 87 -4.08 -5.80 -3.82
N LYS D 88 -4.07 -4.70 -3.05
CA LYS D 88 -5.15 -4.46 -2.06
C LYS D 88 -5.75 -3.07 -2.27
N THR D 89 -4.87 -2.08 -2.36
CA THR D 89 -5.24 -0.70 -2.57
C THR D 89 -5.21 -0.38 -4.07
N LEU D 90 -6.27 0.28 -4.54
CA LEU D 90 -6.29 0.83 -5.85
C LEU D 90 -6.13 2.35 -5.70
N TRP D 91 -5.13 2.90 -6.37
CA TRP D 91 -4.84 4.31 -6.34
C TRP D 91 -5.28 4.87 -7.70
N PHE D 92 -6.04 5.96 -7.68
CA PHE D 92 -6.39 6.69 -8.90
C PHE D 92 -5.88 8.10 -8.80
N TYR D 93 -4.90 8.43 -9.65
CA TYR D 93 -4.21 9.68 -9.65
C TYR D 93 -4.66 10.48 -10.88
N ASN D 94 -5.20 11.67 -10.59
CA ASN D 94 -5.84 12.59 -11.55
C ASN D 94 -5.04 13.91 -11.48
N PRO D 95 -3.92 14.03 -12.24
CA PRO D 95 -3.00 15.19 -12.25
C PRO D 95 -3.68 16.54 -12.54
N PHE D 96 -4.80 16.50 -13.23
CA PHE D 96 -5.62 17.66 -13.48
C PHE D 96 -6.14 18.37 -12.19
N VAL D 97 -6.45 17.61 -11.13
CA VAL D 97 -6.82 18.20 -9.88
C VAL D 97 -5.79 18.03 -8.78
N GLU D 98 -4.61 17.58 -9.14
CA GLU D 98 -3.54 17.25 -8.20
C GLU D 98 -4.01 16.42 -6.98
N GLN D 99 -4.80 15.41 -7.25
CA GLN D 99 -5.19 14.54 -6.19
C GLN D 99 -5.12 13.10 -6.62
N ALA D 100 -4.77 12.26 -5.66
CA ALA D 100 -4.89 10.80 -5.78
C ALA D 100 -5.85 10.28 -4.79
N THR D 101 -6.71 9.37 -5.21
CA THR D 101 -7.64 8.74 -4.30
C THR D 101 -7.22 7.29 -4.08
N ALA D 102 -7.50 6.79 -2.91
CA ALA D 102 -7.18 5.40 -2.56
C ALA D 102 -8.46 4.75 -2.21
N THR D 103 -8.71 3.64 -2.84
CA THR D 103 -9.87 2.82 -2.52
C THR D 103 -9.40 1.36 -2.40
N TRP D 104 -10.30 0.51 -1.92
CA TRP D 104 -10.00 -0.90 -1.97
C TRP D 104 -10.24 -1.47 -3.34
N LEU D 105 -9.23 -2.18 -3.84
CA LEU D 105 -9.37 -2.94 -5.10
C LEU D 105 -10.65 -3.82 -5.13
N LYS D 106 -10.98 -4.50 -4.03
CA LYS D 106 -12.13 -5.37 -4.05
C LYS D 106 -13.48 -4.64 -4.30
N ASP D 107 -13.53 -3.33 -4.16
CA ASP D 107 -14.76 -2.59 -4.35
C ASP D 107 -14.84 -2.00 -5.71
N ALA D 108 -13.82 -2.19 -6.55
CA ALA D 108 -13.80 -1.56 -7.87
C ALA D 108 -15.01 -2.04 -8.68
N THR D 109 -15.70 -1.10 -9.33
CA THR D 109 -17.00 -1.38 -9.94
C THR D 109 -16.83 -2.22 -11.23
N GLY D 110 -17.09 -3.51 -11.09
CA GLY D 110 -17.35 -4.37 -12.23
C GLY D 110 -16.47 -5.59 -12.25
N ASN D 111 -16.85 -6.51 -13.16
CA ASN D 111 -16.15 -7.75 -13.56
C ASN D 111 -15.67 -7.41 -15.01
N THR D 112 -14.71 -6.52 -15.08
CA THR D 112 -14.31 -5.93 -16.33
C THR D 112 -13.46 -6.96 -17.04
N PRO D 113 -13.36 -6.82 -18.34
CA PRO D 113 -12.46 -7.72 -19.09
C PRO D 113 -11.02 -7.65 -18.56
N PHE D 114 -10.61 -6.43 -18.20
CA PHE D 114 -9.25 -6.24 -17.75
C PHE D 114 -8.99 -7.08 -16.48
N MET D 115 -9.91 -7.05 -15.53
CA MET D 115 -9.69 -7.80 -14.31
C MET D 115 -9.65 -9.30 -14.59
N LEU D 116 -10.49 -9.77 -15.51
CA LEU D 116 -10.44 -11.20 -15.90
C LEU D 116 -9.09 -11.58 -16.47
N ILE D 117 -8.56 -10.70 -17.30
CA ILE D 117 -7.26 -10.95 -17.91
C ILE D 117 -6.16 -10.91 -16.89
N ALA D 118 -6.28 -10.01 -15.89
CA ALA D 118 -5.25 -10.00 -14.87
C ALA D 118 -5.36 -11.25 -14.03
N ARG D 119 -6.56 -11.59 -13.59
CA ARG D 119 -6.69 -12.70 -12.65
C ARG D 119 -6.38 -14.08 -13.25
N ASN D 120 -6.77 -14.30 -14.51
CA ASN D 120 -6.67 -15.61 -15.18
C ASN D 120 -7.13 -16.79 -14.35
N GLN D 121 -8.35 -16.72 -13.83
CA GLN D 121 -8.90 -17.76 -12.94
C GLN D 121 -9.91 -18.59 -13.69
N SER D 122 -9.74 -19.90 -13.54
CA SER D 122 -10.58 -20.88 -14.22
C SER D 122 -12.01 -20.67 -13.83
N SER D 123 -12.26 -20.37 -12.56
CA SER D 123 -13.61 -20.15 -12.08
C SER D 123 -14.21 -18.95 -12.72
N ASP D 124 -13.41 -17.92 -13.06
CA ASP D 124 -14.00 -16.78 -13.80
C ASP D 124 -14.38 -17.20 -15.24
N TRP D 125 -13.46 -17.88 -15.91
CA TRP D 125 -13.67 -18.20 -17.32
C TRP D 125 -14.88 -19.15 -17.45
N GLN D 126 -15.09 -20.00 -16.45
CA GLN D 126 -16.25 -20.89 -16.43
C GLN D 126 -17.56 -20.18 -16.33
N GLN D 127 -17.58 -18.85 -16.13
CA GLN D 127 -18.85 -18.11 -16.15
C GLN D 127 -19.26 -17.72 -17.55
N TYR D 128 -18.37 -17.94 -18.53
CA TYR D 128 -18.63 -17.51 -19.88
C TYR D 128 -18.74 -18.68 -20.90
N ASN D 129 -19.55 -18.49 -21.92
CA ASN D 129 -19.39 -19.32 -23.14
C ASN D 129 -18.28 -18.68 -23.98
N ILE D 130 -17.31 -19.48 -24.38
CA ILE D 130 -16.14 -18.99 -25.05
C ILE D 130 -16.00 -19.66 -26.41
N LYS D 131 -15.90 -18.86 -27.44
CA LYS D 131 -15.57 -19.31 -28.79
C LYS D 131 -14.16 -18.76 -29.21
N GLN D 132 -13.32 -19.60 -29.80
CA GLN D 132 -12.00 -19.22 -30.28
C GLN D 132 -12.01 -19.15 -31.84
N ASN D 133 -11.75 -17.98 -32.40
N ASN D 133 -11.86 -17.95 -32.42
CA ASN D 133 -11.61 -17.76 -33.82
CA ASN D 133 -11.61 -17.73 -33.85
C ASN D 133 -10.19 -17.24 -34.01
C ASN D 133 -10.16 -17.25 -33.93
N GLY D 134 -9.30 -18.12 -34.42
CA GLY D 134 -7.89 -17.78 -34.47
C GLY D 134 -7.35 -17.65 -33.07
N ASP D 135 -6.78 -16.49 -32.83
CA ASP D 135 -6.26 -16.15 -31.49
C ASP D 135 -7.30 -15.24 -30.77
N ASP D 136 -8.43 -14.94 -31.39
CA ASP D 136 -9.56 -14.24 -30.70
C ASP D 136 -10.37 -15.18 -29.88
N PHE D 137 -10.49 -14.89 -28.59
CA PHE D 137 -11.47 -15.56 -27.73
C PHE D 137 -12.66 -14.63 -27.47
N VAL D 138 -13.88 -15.07 -27.83
CA VAL D 138 -15.09 -14.29 -27.66
C VAL D 138 -15.90 -14.86 -26.51
N LEU D 139 -16.23 -14.01 -25.54
CA LEU D 139 -16.79 -14.45 -24.30
C LEU D 139 -18.14 -13.83 -24.13
N THR D 140 -19.14 -14.67 -23.84
CA THR D 140 -20.50 -14.17 -23.56
C THR D 140 -20.96 -14.83 -22.26
N PRO D 141 -21.57 -14.06 -21.37
CA PRO D 141 -22.01 -14.59 -20.07
C PRO D 141 -22.98 -15.75 -20.22
N LYS D 142 -22.78 -16.85 -19.53
CA LYS D 142 -23.67 -18.02 -19.62
C LYS D 142 -25.12 -17.66 -19.14
N ALA D 143 -25.19 -16.81 -18.14
CA ALA D 143 -26.46 -16.15 -17.73
C ALA D 143 -26.15 -14.97 -16.86
N SER D 144 -26.72 -13.79 -17.12
CA SER D 144 -26.40 -12.65 -16.26
C SER D 144 -27.43 -11.57 -16.36
N ASN D 145 -27.52 -10.74 -15.29
CA ASN D 145 -27.93 -9.33 -15.36
C ASN D 145 -26.79 -8.33 -14.95
N GLY D 146 -25.54 -8.73 -15.22
CA GLY D 146 -24.35 -7.90 -15.02
C GLY D 146 -24.01 -7.33 -16.38
N ASN D 147 -23.64 -6.06 -16.41
CA ASN D 147 -23.72 -5.29 -17.66
C ASN D 147 -22.57 -5.49 -18.69
N LEU D 148 -21.95 -6.67 -18.77
CA LEU D 148 -21.18 -7.02 -20.00
C LEU D 148 -21.98 -7.94 -20.87
N LYS D 149 -22.21 -7.58 -22.12
CA LYS D 149 -22.90 -8.48 -23.07
C LYS D 149 -21.92 -9.39 -23.79
N GLN D 150 -20.73 -8.88 -24.09
CA GLN D 150 -19.73 -9.63 -24.83
C GLN D 150 -18.37 -9.03 -24.63
N PHE D 151 -17.33 -9.86 -24.58
CA PHE D 151 -16.02 -9.32 -24.71
C PHE D 151 -15.10 -10.27 -25.43
N THR D 152 -14.09 -9.67 -26.04
CA THR D 152 -13.11 -10.35 -26.88
C THR D 152 -11.72 -10.07 -26.42
N ILE D 153 -10.94 -11.13 -26.34
CA ILE D 153 -9.54 -11.10 -25.95
C ILE D 153 -8.75 -11.80 -27.07
N ASN D 154 -7.75 -11.10 -27.64
CA ASN D 154 -6.83 -11.71 -28.58
C ASN D 154 -5.57 -12.07 -27.84
N VAL D 155 -5.34 -13.35 -27.72
CA VAL D 155 -4.23 -13.91 -26.97
C VAL D 155 -3.40 -14.86 -27.87
N GLY D 156 -2.12 -14.61 -28.02
CA GLY D 156 -1.29 -15.48 -28.84
C GLY D 156 -1.01 -16.78 -28.16
N ARG D 157 -0.43 -17.70 -28.94
CA ARG D 157 -0.10 -19.00 -28.40
C ARG D 157 0.91 -18.90 -27.25
N ASP D 158 1.72 -17.86 -27.27
CA ASP D 158 2.72 -17.62 -26.21
C ASP D 158 2.13 -16.92 -24.99
N GLY D 159 0.86 -16.55 -25.06
CA GLY D 159 0.18 -15.91 -23.96
C GLY D 159 0.21 -14.38 -23.94
N THR D 160 0.83 -13.78 -24.93
CA THR D 160 0.72 -12.34 -25.13
C THR D 160 -0.63 -11.88 -25.52
N ILE D 161 -1.09 -10.84 -24.83
CA ILE D 161 -2.37 -10.22 -25.15
C ILE D 161 -2.14 -9.14 -26.17
N HIS D 162 -2.89 -9.20 -27.28
CA HIS D 162 -2.78 -8.20 -28.33
C HIS D 162 -3.88 -7.22 -28.29
N GLN D 163 -5.05 -7.67 -27.87
CA GLN D 163 -6.15 -6.75 -27.71
C GLN D 163 -7.23 -7.28 -26.87
N PHE D 164 -8.01 -6.38 -26.31
CA PHE D 164 -9.27 -6.76 -25.72
C PHE D 164 -10.31 -5.68 -25.87
N SER D 165 -11.56 -6.08 -25.88
CA SER D 165 -12.63 -5.16 -26.20
C SER D 165 -13.88 -5.66 -25.55
N ALA D 166 -14.81 -4.76 -25.26
CA ALA D 166 -16.00 -5.14 -24.54
C ALA D 166 -17.16 -4.37 -25.05
N VAL D 167 -18.33 -5.02 -25.09
CA VAL D 167 -19.60 -4.34 -25.37
C VAL D 167 -20.43 -4.39 -24.10
N GLU D 168 -20.63 -3.20 -23.51
CA GLU D 168 -21.39 -3.02 -22.27
C GLU D 168 -22.88 -3.22 -22.57
N GLN D 169 -23.70 -3.26 -21.50
CA GLN D 169 -25.17 -3.40 -21.63
C GLN D 169 -25.86 -2.24 -22.37
N ASP D 170 -25.47 -0.99 -22.07
CA ASP D 170 -25.96 0.20 -22.81
C ASP D 170 -25.40 0.35 -24.27
N ASP D 171 -24.83 -0.72 -24.81
CA ASP D 171 -24.10 -0.74 -26.10
C ASP D 171 -22.91 0.22 -26.27
N GLN D 172 -22.38 0.71 -25.15
CA GLN D 172 -21.06 1.29 -25.11
C GLN D 172 -19.99 0.20 -25.36
N ARG D 173 -19.03 0.55 -26.20
CA ARG D 173 -17.97 -0.31 -26.70
C ARG D 173 -16.63 0.27 -26.32
N SER D 174 -15.72 -0.55 -25.79
CA SER D 174 -14.34 -0.11 -25.58
C SER D 174 -13.38 -1.12 -26.11
N SER D 175 -12.29 -0.67 -26.73
CA SER D 175 -11.21 -1.57 -27.09
C SER D 175 -9.90 -1.02 -26.70
N TYR D 176 -8.99 -1.95 -26.41
CA TYR D 176 -7.65 -1.67 -26.07
C TYR D 176 -6.80 -2.47 -27.02
N GLN D 177 -5.84 -1.83 -27.66
CA GLN D 177 -4.85 -2.57 -28.46
C GLN D 177 -3.52 -2.43 -27.76
N LEU D 178 -2.81 -3.51 -27.64
CA LEU D 178 -1.60 -3.52 -26.93
C LEU D 178 -0.43 -3.75 -27.88
N LYS D 179 0.69 -3.09 -27.68
CA LYS D 179 1.85 -3.26 -28.58
C LYS D 179 3.09 -3.23 -27.74
N SER D 180 4.17 -3.61 -28.38
CA SER D 180 5.53 -3.60 -27.78
C SER D 180 5.61 -4.40 -26.52
N GLN D 181 4.90 -5.53 -26.48
CA GLN D 181 4.78 -6.26 -25.27
C GLN D 181 6.13 -6.82 -24.85
N GLN D 182 6.49 -6.74 -23.58
CA GLN D 182 7.67 -7.43 -23.05
C GLN D 182 7.19 -8.23 -21.87
N ASN D 183 7.35 -9.53 -21.98
CA ASN D 183 6.86 -10.44 -20.98
C ASN D 183 8.00 -10.61 -20.08
N GLY D 184 7.75 -11.00 -18.85
CA GLY D 184 8.86 -11.13 -17.93
C GLY D 184 8.85 -10.02 -16.91
N ALA D 185 9.83 -10.07 -16.03
CA ALA D 185 9.73 -9.49 -14.70
C ALA D 185 9.62 -7.95 -14.75
N VAL D 186 8.69 -7.43 -13.97
CA VAL D 186 8.42 -6.02 -13.85
C VAL D 186 8.92 -5.65 -12.45
N ASP D 187 9.49 -4.48 -12.27
CA ASP D 187 9.89 -4.07 -10.89
C ASP D 187 8.63 -3.87 -10.03
N ALA D 188 8.76 -4.23 -8.75
CA ALA D 188 7.70 -4.08 -7.78
C ALA D 188 7.27 -2.63 -7.69
N ALA D 189 8.16 -1.69 -7.96
CA ALA D 189 7.85 -0.28 -7.86
C ALA D 189 6.76 0.16 -8.79
N LYS D 190 6.58 -0.57 -9.90
CA LYS D 190 5.45 -0.29 -10.76
C LYS D 190 4.11 -0.41 -10.10
N PHE D 191 4.02 -1.22 -9.05
CA PHE D 191 2.73 -1.51 -8.40
C PHE D 191 2.56 -0.84 -7.06
N THR D 192 3.40 0.15 -6.81
CA THR D 192 3.27 0.95 -5.56
C THR D 192 3.04 2.34 -6.13
N PHE D 193 2.34 3.14 -5.42
CA PHE D 193 2.11 4.49 -5.90
C PHE D 193 2.72 5.39 -4.90
N THR D 194 3.39 6.39 -5.44
CA THR D 194 3.85 7.52 -4.67
C THR D 194 3.43 8.80 -5.37
N PRO D 195 2.63 9.64 -4.69
CA PRO D 195 2.20 10.85 -5.33
C PRO D 195 3.34 11.84 -5.47
N PRO D 196 3.37 12.59 -6.59
CA PRO D 196 4.34 13.66 -6.74
C PRO D 196 4.15 14.72 -5.66
N GLN D 197 5.17 15.53 -5.46
CA GLN D 197 5.07 16.63 -4.50
C GLN D 197 3.90 17.54 -4.83
N GLY D 198 3.27 18.06 -3.80
CA GLY D 198 2.09 18.90 -3.97
C GLY D 198 0.80 18.13 -4.21
N VAL D 199 0.82 16.79 -4.29
CA VAL D 199 -0.41 16.08 -4.51
C VAL D 199 -1.06 15.75 -3.17
N THR D 200 -2.36 15.97 -3.09
CA THR D 200 -3.28 15.57 -1.98
C THR D 200 -3.70 14.14 -2.14
N VAL D 201 -3.91 13.46 -1.03
CA VAL D 201 -4.46 12.10 -1.03
C VAL D 201 -5.85 12.14 -0.43
N ASP D 202 -6.82 11.56 -1.14
CA ASP D 202 -8.10 11.29 -0.56
C ASP D 202 -8.16 9.84 -0.27
N ASP D 203 -7.98 9.45 0.98
CA ASP D 203 -7.99 8.02 1.35
C ASP D 203 -9.45 7.62 1.64
N GLN D 204 -10.10 6.97 0.71
CA GLN D 204 -11.48 6.48 0.91
C GLN D 204 -11.62 5.11 1.48
N ARG D 205 -10.55 4.46 1.90
CA ARG D 205 -10.60 3.09 2.37
C ARG D 205 -11.26 3.02 3.73
N LYS D 206 -12.36 2.26 3.83
CA LYS D 206 -12.95 2.07 5.18
C LYS D 206 -12.30 0.87 5.89
#